data_1MBZ
#
_entry.id   1MBZ
#
_cell.length_a   61.390
_cell.length_b   97.154
_cell.length_c   81.087
_cell.angle_alpha   90.00
_cell.angle_beta   90.11
_cell.angle_gamma   90.00
#
_symmetry.space_group_name_H-M   'P 1 21 1'
#
loop_
_entity.id
_entity.type
_entity.pdbx_description
1 polymer 'BETA-LACTAM SYNTHETASE'
2 non-polymer 'MAGNESIUM ION'
3 non-polymer 'PYROPHOSPHATE 2-'
4 non-polymer "ARGININE-N-METHYLCARBONYL PHOSPHORIC ACID 5'-ADENOSINE ESTER"
5 non-polymer GLYCEROL
6 water water
#
_entity_poly.entity_id   1
_entity_poly.type   'polypeptide(L)'
_entity_poly.pdbx_seq_one_letter_code
;MGAPVLPAAFGFLASARTGGGRAPGPVFATRGSHTDIDTPQGERSLAATLVHAPSVAPDRAVARSLTGAPTTAVLAGEIY
NRDELLSVLPAGPAPEGDAELVLRLLERYDLHAFRLVNGRFATVVRTGDRVLLATDHAGSVPLYTCVAPGEVRASTEAKA
LAAHRDPKGFPLADARRVAGLTGVYQVPAGAVMDIDLGSGTAVTHRTWTPGLSRRILPEGEAVAAVRAALEKAVAQRVTP
GDTPLVVLSGGIDSSGVAACAHRAAGELDTVSMGTDTSNEFREARAVVDHLRTRHREITIPTTELLAQLPYAVWASESVD
PDIIEYLLPLTALYRALDGPERRILTGYGADIPLGGMHREDRLPALDTVLAHDMATFDGLNEMSPVLSTLAGHWTTHPYW
DREVLDLLVSLEAGLKRRHGRDKWVLRAAMADALPAETVNRPKLGVHEGSGTTSSFSRLLLDHGVAEDRVHEAKRQVVRE
LFDLTVGGGRHPSEVDTDDVVRSVADRTARGAA
;
_entity_poly.pdbx_strand_id   A,B
#
loop_
_chem_comp.id
_chem_comp.type
_chem_comp.name
_chem_comp.formula
GOL non-polymer GLYCEROL 'C3 H8 O3'
IOT non-polymer 'ARGININE-N-METHYLCARBONYL PHOSPHORIC ACID 5'-ADENOSINE ESTER' 'C18 H28 N9 O10 P'
MG non-polymer 'MAGNESIUM ION' 'Mg 2'
POP non-polymer 'PYROPHOSPHATE 2-' 'H2 O7 P2 -2'
#
# COMPACT_ATOMS: atom_id res chain seq x y z
N ALA A 3 28.83 -18.58 6.11
CA ALA A 3 29.66 -18.86 7.32
C ALA A 3 28.76 -19.11 8.55
N PRO A 4 29.36 -19.46 9.70
CA PRO A 4 28.61 -19.72 10.95
C PRO A 4 27.55 -18.67 11.34
N VAL A 5 26.79 -18.99 12.39
CA VAL A 5 25.70 -18.15 12.92
C VAL A 5 24.51 -18.09 11.96
N LEU A 6 23.65 -19.07 12.12
CA LEU A 6 22.47 -19.22 11.31
C LEU A 6 21.31 -18.99 12.25
N PRO A 7 20.11 -18.86 11.69
CA PRO A 7 18.93 -18.64 12.54
C PRO A 7 18.79 -19.80 13.53
N ALA A 8 18.10 -19.54 14.63
CA ALA A 8 17.89 -20.56 15.67
C ALA A 8 17.08 -21.74 15.12
N ALA A 9 16.30 -21.50 14.06
CA ALA A 9 15.50 -22.55 13.44
C ALA A 9 15.20 -22.21 11.98
N PHE A 10 15.18 -23.24 11.13
CA PHE A 10 14.90 -23.10 9.69
C PHE A 10 13.41 -23.22 9.37
N GLY A 11 12.72 -24.12 10.06
CA GLY A 11 11.30 -24.33 9.81
C GLY A 11 10.70 -25.04 11.00
N PHE A 12 9.49 -25.59 10.84
CA PHE A 12 8.84 -26.28 11.95
C PHE A 12 7.49 -26.85 11.57
N LEU A 13 6.97 -27.66 12.47
CA LEU A 13 5.66 -28.28 12.35
C LEU A 13 5.09 -28.20 13.76
N ALA A 14 4.01 -27.44 13.91
CA ALA A 14 3.37 -27.28 15.21
C ALA A 14 1.90 -27.63 15.18
N SER A 15 1.30 -27.81 16.33
CA SER A 15 -0.11 -28.12 16.40
C SER A 15 -0.66 -27.64 17.72
N ALA A 16 -1.97 -27.41 17.75
CA ALA A 16 -2.65 -26.97 18.96
C ALA A 16 -3.94 -27.79 18.99
N ARG A 17 -4.00 -28.80 19.86
CA ARG A 17 -5.20 -29.62 19.94
C ARG A 17 -5.85 -29.54 21.31
N THR A 18 -7.17 -29.67 21.30
CA THR A 18 -8.00 -29.65 22.51
C THR A 18 -8.00 -31.06 23.10
N GLY A 19 -7.54 -32.02 22.30
CA GLY A 19 -7.45 -33.39 22.75
C GLY A 19 -6.02 -33.73 23.09
N GLY A 25 6.18 -37.99 13.61
CA GLY A 25 7.52 -37.70 12.98
C GLY A 25 7.43 -36.97 11.65
N PRO A 26 7.72 -35.67 11.62
CA PRO A 26 7.65 -34.90 10.37
C PRO A 26 8.88 -35.15 9.50
N VAL A 27 8.68 -35.07 8.18
CA VAL A 27 9.73 -35.26 7.19
C VAL A 27 9.83 -33.98 6.36
N PHE A 28 10.98 -33.32 6.42
CA PHE A 28 11.15 -32.08 5.68
C PHE A 28 12.19 -32.20 4.57
N ALA A 29 12.24 -31.18 3.73
CA ALA A 29 13.21 -31.10 2.64
C ALA A 29 14.37 -30.35 3.28
N THR A 30 14.03 -29.53 4.26
CA THR A 30 15.05 -28.78 4.98
C THR A 30 15.90 -29.82 5.68
N ARG A 31 17.22 -29.72 5.53
CA ARG A 31 18.12 -30.67 6.19
C ARG A 31 18.50 -30.04 7.52
N GLY A 32 18.64 -30.87 8.55
CA GLY A 32 19.02 -30.35 9.86
C GLY A 32 18.63 -31.25 11.01
N SER A 33 18.78 -30.76 12.22
CA SER A 33 18.42 -31.52 13.41
C SER A 33 16.96 -31.20 13.70
N HIS A 34 16.36 -32.02 14.55
CA HIS A 34 14.96 -31.85 14.98
C HIS A 34 14.95 -31.82 16.49
N THR A 35 14.10 -30.97 17.02
CA THR A 35 13.98 -30.82 18.45
C THR A 35 12.51 -30.60 18.76
N ASP A 36 11.91 -31.53 19.50
CA ASP A 36 10.51 -31.37 19.88
C ASP A 36 10.60 -30.49 21.12
N ILE A 37 9.85 -29.39 21.10
CA ILE A 37 9.81 -28.45 22.21
C ILE A 37 8.99 -29.06 23.33
N ASP A 38 9.28 -28.65 24.56
CA ASP A 38 8.57 -29.15 25.72
C ASP A 38 7.11 -28.71 25.70
N THR A 39 6.29 -29.38 26.51
CA THR A 39 4.88 -29.05 26.59
C THR A 39 4.44 -28.94 28.05
N PRO A 40 4.82 -27.84 28.73
CA PRO A 40 4.51 -27.56 30.14
C PRO A 40 3.10 -27.99 30.53
N GLN A 41 2.08 -27.41 29.90
CA GLN A 41 0.70 -27.78 30.20
C GLN A 41 0.28 -28.93 29.28
N GLY A 42 1.27 -29.69 28.83
CA GLY A 42 1.05 -30.84 27.96
C GLY A 42 -0.06 -30.71 26.91
N GLU A 43 -1.11 -31.48 27.11
CA GLU A 43 -2.28 -31.52 26.22
C GLU A 43 -2.74 -30.15 25.72
N ARG A 44 -2.79 -29.17 26.60
CA ARG A 44 -3.26 -27.84 26.24
C ARG A 44 -2.14 -26.90 25.84
N SER A 45 -0.97 -27.43 25.52
CA SER A 45 0.12 -26.56 25.13
C SER A 45 0.37 -26.61 23.63
N LEU A 46 1.30 -25.80 23.16
CA LEU A 46 1.63 -25.78 21.74
C LEU A 46 2.78 -26.77 21.49
N ALA A 47 2.46 -27.85 20.80
CA ALA A 47 3.45 -28.86 20.46
C ALA A 47 4.09 -28.42 19.15
N ALA A 48 5.36 -28.74 18.96
CA ALA A 48 6.03 -28.36 17.72
C ALA A 48 7.34 -29.08 17.57
N THR A 49 7.65 -29.47 16.35
CA THR A 49 8.92 -30.10 16.07
C THR A 49 9.69 -29.04 15.27
N LEU A 50 10.88 -28.71 15.74
CA LEU A 50 11.70 -27.72 15.07
C LEU A 50 12.78 -28.39 14.25
N VAL A 51 13.05 -27.85 13.06
CA VAL A 51 14.13 -28.38 12.21
C VAL A 51 15.17 -27.26 12.17
N HIS A 52 16.44 -27.57 12.42
CA HIS A 52 17.48 -26.52 12.43
C HIS A 52 18.89 -27.06 12.27
N ALA A 53 19.86 -26.17 12.14
CA ALA A 53 21.26 -26.57 11.97
C ALA A 53 21.73 -27.40 13.16
N PRO A 54 22.61 -28.37 12.93
CA PRO A 54 23.09 -29.19 14.04
C PRO A 54 23.96 -28.37 15.01
N SER A 55 24.48 -27.25 14.52
CA SER A 55 25.34 -26.40 15.32
C SER A 55 24.60 -25.23 15.95
N VAL A 56 23.27 -25.29 15.97
CA VAL A 56 22.45 -24.21 16.52
C VAL A 56 21.66 -24.66 17.74
N ALA A 57 21.45 -23.75 18.68
CA ALA A 57 20.67 -24.05 19.89
C ALA A 57 19.27 -23.53 19.64
N PRO A 58 18.31 -24.44 19.42
CA PRO A 58 16.91 -24.12 19.16
C PRO A 58 16.29 -23.07 20.08
N ASP A 59 16.80 -23.00 21.30
CA ASP A 59 16.31 -22.08 22.33
C ASP A 59 15.80 -20.75 21.79
N ARG A 60 16.72 -19.99 21.21
CA ARG A 60 16.42 -18.68 20.66
C ARG A 60 15.20 -18.64 19.74
N ALA A 61 14.76 -19.80 19.25
CA ALA A 61 13.61 -19.86 18.34
C ALA A 61 12.32 -20.18 19.10
N VAL A 62 12.42 -20.34 20.40
CA VAL A 62 11.26 -20.64 21.21
C VAL A 62 11.18 -19.67 22.39
N ALA A 63 9.99 -19.17 22.68
CA ALA A 63 9.76 -18.24 23.78
C ALA A 63 8.42 -18.56 24.44
N ARG A 64 8.36 -18.41 25.75
CA ARG A 64 7.13 -18.70 26.46
C ARG A 64 6.81 -17.53 27.38
N SER A 65 5.56 -17.48 27.86
CA SER A 65 5.14 -16.41 28.75
C SER A 65 3.80 -16.72 29.37
N LEU A 66 3.44 -15.87 30.32
CA LEU A 66 2.17 -15.98 31.03
C LEU A 66 1.38 -14.69 30.79
N THR A 67 1.95 -13.78 30.00
CA THR A 67 1.31 -12.50 29.70
C THR A 67 0.08 -12.73 28.84
N GLY A 68 -1.07 -12.42 29.41
CA GLY A 68 -2.34 -12.64 28.73
C GLY A 68 -2.92 -14.00 29.18
N ALA A 69 -2.04 -14.98 29.13
CA ALA A 69 -2.41 -16.43 29.24
C ALA A 69 -1.13 -17.28 29.17
N PRO A 70 -1.44 -18.66 29.40
CA PRO A 70 -0.22 -19.45 28.95
C PRO A 70 0.07 -19.26 27.46
N THR A 71 1.28 -18.80 27.16
CA THR A 71 1.68 -18.49 25.80
C THR A 71 3.02 -19.11 25.41
N THR A 72 3.04 -19.72 24.23
CA THR A 72 4.25 -20.34 23.68
C THR A 72 4.44 -19.79 22.26
N ALA A 73 5.69 -19.47 21.91
CA ALA A 73 5.99 -18.94 20.59
C ALA A 73 7.16 -19.65 19.90
N VAL A 74 6.94 -20.05 18.65
CA VAL A 74 7.98 -20.71 17.87
C VAL A 74 8.24 -19.85 16.62
N LEU A 75 9.51 -19.56 16.34
CA LEU A 75 9.84 -18.73 15.18
C LEU A 75 10.98 -19.29 14.33
N ALA A 76 10.69 -19.43 13.03
CA ALA A 76 11.67 -19.93 12.07
C ALA A 76 12.24 -18.75 11.30
N GLY A 77 13.56 -18.58 11.29
CA GLY A 77 14.10 -17.45 10.56
C GLY A 77 14.71 -16.38 11.46
N GLU A 78 14.75 -15.13 10.99
CA GLU A 78 15.38 -14.06 11.77
C GLU A 78 14.82 -12.65 11.43
N ILE A 79 15.05 -11.70 12.34
CA ILE A 79 14.59 -10.32 12.17
C ILE A 79 15.81 -9.42 11.97
N TYR A 80 15.68 -8.42 11.11
CA TYR A 80 16.79 -7.54 10.79
C TYR A 80 16.74 -6.16 11.45
N ASN A 81 15.54 -5.71 11.76
CA ASN A 81 15.43 -4.41 12.39
C ASN A 81 15.22 -4.55 13.90
N ARG A 82 16.16 -5.27 14.52
CA ARG A 82 16.12 -5.50 15.95
C ARG A 82 16.25 -4.23 16.79
N ASP A 83 17.28 -3.42 16.53
CA ASP A 83 17.46 -2.20 17.32
C ASP A 83 16.21 -1.36 17.32
N GLU A 84 15.60 -1.23 16.15
CA GLU A 84 14.38 -0.45 16.04
C GLU A 84 13.32 -1.07 16.94
N LEU A 85 12.94 -2.32 16.63
CA LEU A 85 11.90 -3.01 17.42
C LEU A 85 12.18 -2.95 18.93
N LEU A 86 13.45 -3.02 19.28
CA LEU A 86 13.86 -2.98 20.68
C LEU A 86 13.68 -1.58 21.28
N SER A 87 13.69 -0.56 20.43
CA SER A 87 13.54 0.82 20.91
C SER A 87 12.12 1.19 21.29
N VAL A 88 11.15 0.39 20.89
CA VAL A 88 9.77 0.72 21.21
C VAL A 88 9.32 -0.03 22.44
N LEU A 89 10.19 -0.89 22.94
CA LEU A 89 9.84 -1.68 24.12
C LEU A 89 10.41 -1.09 25.40
N PRO A 90 9.84 -1.50 26.54
CA PRO A 90 10.36 -0.99 27.82
C PRO A 90 11.76 -1.52 28.08
N ALA A 91 12.76 -0.90 27.42
CA ALA A 91 14.17 -1.29 27.52
C ALA A 91 14.55 -1.84 28.91
N GLY A 92 15.38 -2.87 28.90
CA GLY A 92 15.82 -3.51 30.12
C GLY A 92 15.99 -4.99 29.88
N PRO A 93 14.97 -5.81 30.17
CA PRO A 93 15.06 -7.26 29.97
C PRO A 93 15.08 -7.64 28.48
N ALA A 94 16.16 -7.27 27.80
CA ALA A 94 16.32 -7.58 26.39
C ALA A 94 16.03 -9.04 26.16
N PRO A 95 15.24 -9.35 25.13
CA PRO A 95 14.92 -10.76 24.84
C PRO A 95 16.19 -11.46 24.39
N GLU A 96 16.24 -12.78 24.60
CA GLU A 96 17.40 -13.59 24.22
C GLU A 96 17.36 -14.03 22.76
N GLY A 97 16.26 -13.71 22.07
CA GLY A 97 16.13 -14.10 20.69
C GLY A 97 14.95 -13.46 19.99
N ASP A 98 14.78 -13.79 18.71
CA ASP A 98 13.72 -13.23 17.89
C ASP A 98 12.34 -13.69 18.34
N ALA A 99 12.25 -14.94 18.77
CA ALA A 99 10.98 -15.48 19.24
C ALA A 99 10.55 -14.71 20.48
N GLU A 100 11.48 -14.45 21.39
CA GLU A 100 11.12 -13.72 22.60
C GLU A 100 10.85 -12.27 22.25
N LEU A 101 11.58 -11.78 21.26
CA LEU A 101 11.40 -10.42 20.81
C LEU A 101 9.95 -10.27 20.30
N VAL A 102 9.52 -11.23 19.48
CA VAL A 102 8.16 -11.23 18.93
C VAL A 102 7.13 -11.22 20.02
N LEU A 103 7.35 -12.06 21.02
CA LEU A 103 6.42 -12.17 22.14
C LEU A 103 6.32 -10.82 22.87
N ARG A 104 7.47 -10.21 23.19
CA ARG A 104 7.46 -8.92 23.87
C ARG A 104 6.68 -7.87 23.06
N LEU A 105 6.80 -7.94 21.74
CA LEU A 105 6.11 -6.99 20.87
C LEU A 105 4.60 -7.24 20.85
N LEU A 106 4.21 -8.51 20.82
CA LEU A 106 2.80 -8.92 20.81
C LEU A 106 2.09 -8.48 22.09
N GLU A 107 2.85 -8.35 23.16
CA GLU A 107 2.26 -7.92 24.41
C GLU A 107 1.96 -6.43 24.35
N ARG A 108 2.63 -5.71 23.44
CA ARG A 108 2.41 -4.28 23.33
C ARG A 108 1.47 -3.81 22.21
N TYR A 109 1.63 -4.39 21.02
CA TYR A 109 0.85 -4.03 19.84
C TYR A 109 -0.10 -5.15 19.41
N ASP A 110 -0.09 -6.26 20.13
CA ASP A 110 -0.91 -7.41 19.76
C ASP A 110 -0.57 -7.79 18.33
N LEU A 111 -1.51 -8.35 17.59
CA LEU A 111 -1.18 -8.76 16.22
C LEU A 111 -0.60 -7.66 15.33
N HIS A 112 -0.77 -6.40 15.73
CA HIS A 112 -0.23 -5.30 14.94
C HIS A 112 1.30 -5.24 14.98
N ALA A 113 1.91 -5.98 15.90
CA ALA A 113 3.36 -6.02 16.02
C ALA A 113 4.04 -6.38 14.71
N PHE A 114 3.39 -7.27 13.98
CA PHE A 114 3.92 -7.76 12.70
C PHE A 114 3.99 -6.66 11.64
N ARG A 115 3.32 -5.54 11.89
CA ARG A 115 3.38 -4.44 10.94
C ARG A 115 4.71 -3.74 11.12
N LEU A 116 5.38 -4.05 12.23
CA LEU A 116 6.64 -3.42 12.54
C LEU A 116 7.87 -4.25 12.15
N VAL A 117 7.69 -5.55 12.06
CA VAL A 117 8.82 -6.41 11.77
C VAL A 117 9.37 -6.43 10.36
N ASN A 118 10.67 -6.21 10.28
CA ASN A 118 11.41 -6.25 9.01
C ASN A 118 12.27 -7.47 9.16
N GLY A 119 11.95 -8.54 8.46
CA GLY A 119 12.76 -9.75 8.59
C GLY A 119 12.49 -10.80 7.54
N ARG A 120 13.03 -11.98 7.80
CA ARG A 120 12.89 -13.17 6.94
C ARG A 120 12.47 -14.23 7.96
N PHE A 121 11.17 -14.34 8.22
CA PHE A 121 10.70 -15.27 9.21
C PHE A 121 9.29 -15.83 8.96
N ALA A 122 8.92 -16.79 9.81
CA ALA A 122 7.62 -17.45 9.82
C ALA A 122 7.44 -17.83 11.30
N THR A 123 6.28 -17.55 11.88
CA THR A 123 6.06 -17.85 13.27
C THR A 123 4.65 -18.29 13.57
N VAL A 124 4.51 -19.04 14.66
CA VAL A 124 3.21 -19.48 15.12
C VAL A 124 3.27 -19.27 16.62
N VAL A 125 2.18 -18.75 17.18
CA VAL A 125 2.11 -18.48 18.61
C VAL A 125 0.77 -18.93 19.13
N ARG A 126 0.77 -19.46 20.35
CA ARG A 126 -0.47 -19.86 20.98
C ARG A 126 -0.52 -19.17 22.34
N THR A 127 -1.66 -18.57 22.64
CA THR A 127 -1.89 -17.93 23.93
C THR A 127 -3.34 -18.29 24.23
N GLY A 128 -3.52 -19.14 25.24
CA GLY A 128 -4.86 -19.58 25.61
C GLY A 128 -5.38 -20.43 24.47
N ASP A 129 -6.61 -20.19 24.06
CA ASP A 129 -7.20 -20.95 22.95
C ASP A 129 -7.12 -20.10 21.68
N ARG A 130 -6.21 -19.14 21.69
CA ARG A 130 -6.01 -18.25 20.55
C ARG A 130 -4.72 -18.65 19.86
N VAL A 131 -4.76 -18.76 18.53
CA VAL A 131 -3.56 -19.12 17.77
C VAL A 131 -3.23 -18.09 16.69
N LEU A 132 -1.99 -17.57 16.72
CA LEU A 132 -1.56 -16.59 15.72
C LEU A 132 -0.57 -17.16 14.71
N LEU A 133 -0.78 -16.85 13.44
CA LEU A 133 0.09 -17.32 12.38
C LEU A 133 0.55 -16.12 11.57
N ALA A 134 1.86 -15.89 11.47
CA ALA A 134 2.34 -14.74 10.70
C ALA A 134 3.54 -15.02 9.81
N THR A 135 3.70 -14.19 8.80
CA THR A 135 4.81 -14.26 7.82
C THR A 135 5.42 -12.86 7.72
N ASP A 136 6.60 -12.74 7.11
CA ASP A 136 7.23 -11.42 6.95
C ASP A 136 6.55 -10.69 5.79
N HIS A 137 6.85 -9.41 5.58
CA HIS A 137 6.17 -8.67 4.50
C HIS A 137 6.11 -9.39 3.14
N ALA A 138 7.13 -10.18 2.83
CA ALA A 138 7.16 -10.85 1.53
C ALA A 138 6.75 -12.32 1.52
N GLY A 139 6.64 -12.92 2.70
CA GLY A 139 6.30 -14.32 2.78
C GLY A 139 7.48 -15.12 2.25
N SER A 140 8.71 -14.74 2.62
CA SER A 140 9.91 -15.42 2.12
C SER A 140 10.17 -16.72 2.84
N VAL A 141 9.35 -17.02 3.83
CA VAL A 141 9.49 -18.27 4.54
C VAL A 141 8.13 -18.88 4.53
N PRO A 142 7.79 -19.58 3.43
CA PRO A 142 6.49 -20.23 3.25
C PRO A 142 5.95 -20.75 4.56
N LEU A 143 4.66 -20.52 4.80
CA LEU A 143 4.00 -21.00 6.00
C LEU A 143 2.59 -21.52 5.64
N TYR A 144 2.32 -22.77 5.94
CA TYR A 144 1.06 -23.40 5.62
C TYR A 144 0.24 -23.75 6.86
N THR A 145 -1.05 -24.06 6.68
CA THR A 145 -1.88 -24.38 7.84
C THR A 145 -3.16 -25.20 7.58
N CYS A 146 -3.48 -26.07 8.53
CA CYS A 146 -4.68 -26.91 8.52
C CYS A 146 -5.53 -26.44 9.71
N VAL A 147 -6.62 -25.70 9.46
CA VAL A 147 -7.47 -25.24 10.55
C VAL A 147 -8.80 -25.97 10.63
N ALA A 148 -9.03 -26.59 11.77
CA ALA A 148 -10.26 -27.33 12.03
C ALA A 148 -10.68 -26.98 13.45
N PRO A 149 -12.01 -26.86 13.68
CA PRO A 149 -12.45 -26.54 15.04
C PRO A 149 -11.78 -27.51 15.99
N GLY A 150 -10.95 -26.96 16.89
CA GLY A 150 -10.24 -27.78 17.87
C GLY A 150 -8.83 -28.20 17.47
N GLU A 151 -8.51 -28.16 16.17
CA GLU A 151 -7.19 -28.56 15.69
C GLU A 151 -6.57 -27.56 14.73
N VAL A 152 -5.34 -27.16 15.00
CA VAL A 152 -4.69 -26.22 14.12
C VAL A 152 -3.27 -26.68 13.90
N ARG A 153 -2.95 -27.07 12.68
CA ARG A 153 -1.60 -27.50 12.40
C ARG A 153 -0.92 -26.47 11.53
N ALA A 154 0.29 -26.08 11.94
CA ALA A 154 1.07 -25.10 11.18
C ALA A 154 2.36 -25.79 10.72
N SER A 155 2.88 -25.37 9.56
CA SER A 155 4.13 -25.93 9.01
C SER A 155 4.75 -24.98 8.00
N THR A 156 6.08 -25.00 7.91
CA THR A 156 6.77 -24.14 6.97
C THR A 156 6.95 -24.89 5.65
N GLU A 157 6.36 -26.08 5.58
CA GLU A 157 6.41 -26.91 4.38
C GLU A 157 5.06 -27.63 4.23
N ALA A 158 4.41 -27.43 3.08
CA ALA A 158 3.11 -28.07 2.84
C ALA A 158 3.22 -29.59 2.81
N LYS A 159 4.39 -30.09 2.46
CA LYS A 159 4.58 -31.53 2.40
C LYS A 159 4.37 -32.20 3.75
N ALA A 160 4.59 -31.45 4.83
CA ALA A 160 4.42 -32.04 6.17
C ALA A 160 2.94 -32.10 6.55
N LEU A 161 2.14 -31.22 5.95
CA LEU A 161 0.71 -31.15 6.22
C LEU A 161 -0.14 -31.92 5.21
N ALA A 162 0.50 -32.49 4.21
CA ALA A 162 -0.14 -33.26 3.15
C ALA A 162 -0.59 -34.65 3.47
N ALA A 163 -1.33 -34.70 4.60
CA ALA A 163 -2.00 -36.01 5.02
C ALA A 163 -3.19 -35.62 5.90
N HIS A 164 -4.19 -36.45 5.97
CA HIS A 164 -5.29 -36.22 6.93
C HIS A 164 -5.99 -37.50 7.23
N GLY A 169 -8.91 -30.44 7.29
CA GLY A 169 -9.15 -29.03 7.71
C GLY A 169 -10.37 -28.46 7.01
N PHE A 170 -10.71 -27.22 7.33
CA PHE A 170 -11.85 -26.53 6.73
C PHE A 170 -11.37 -25.36 5.87
N PRO A 171 -12.21 -24.87 4.93
CA PRO A 171 -11.80 -23.76 4.08
C PRO A 171 -11.62 -22.45 4.87
N LEU A 172 -10.55 -21.73 4.56
CA LEU A 172 -10.26 -20.46 5.22
C LEU A 172 -10.30 -19.36 4.16
N ALA A 173 -10.97 -18.25 4.45
CA ALA A 173 -11.06 -17.15 3.48
C ALA A 173 -9.83 -16.25 3.55
N ASP A 174 -9.49 -15.64 2.42
CA ASP A 174 -8.34 -14.76 2.31
C ASP A 174 -7.07 -15.60 2.38
N ALA A 175 -7.14 -16.80 1.82
CA ALA A 175 -6.00 -17.69 1.80
C ALA A 175 -6.22 -18.71 0.69
N ARG A 176 -5.18 -18.93 -0.10
CA ARG A 176 -5.20 -19.85 -1.23
C ARG A 176 -4.97 -21.29 -0.80
N ARG A 177 -5.55 -22.24 -1.54
CA ARG A 177 -5.36 -23.66 -1.25
C ARG A 177 -4.10 -24.11 -1.97
N VAL A 178 -3.44 -25.12 -1.41
CA VAL A 178 -2.24 -25.66 -2.00
C VAL A 178 -2.67 -26.62 -3.10
N ALA A 179 -2.03 -26.50 -4.26
CA ALA A 179 -2.35 -27.32 -5.41
C ALA A 179 -2.45 -28.80 -5.04
N GLY A 180 -3.51 -29.44 -5.52
CA GLY A 180 -3.72 -30.85 -5.26
C GLY A 180 -4.21 -31.18 -3.87
N LEU A 181 -3.49 -30.71 -2.86
CA LEU A 181 -3.87 -30.98 -1.47
C LEU A 181 -5.30 -30.50 -1.21
N THR A 182 -5.91 -30.98 -0.15
CA THR A 182 -7.26 -30.55 0.17
C THR A 182 -7.27 -30.18 1.68
N GLY A 183 -7.80 -28.99 1.98
CA GLY A 183 -7.84 -28.53 3.36
C GLY A 183 -6.52 -27.94 3.83
N VAL A 184 -5.57 -27.76 2.91
CA VAL A 184 -4.24 -27.20 3.26
C VAL A 184 -4.08 -25.81 2.61
N TYR A 185 -3.98 -24.78 3.43
CA TYR A 185 -3.85 -23.42 2.95
C TYR A 185 -2.44 -22.83 3.17
N GLN A 186 -2.15 -21.73 2.49
CA GLN A 186 -0.87 -21.06 2.70
C GLN A 186 -1.20 -19.70 3.28
N VAL A 187 -0.43 -19.27 4.26
CA VAL A 187 -0.65 -17.97 4.87
C VAL A 187 -0.08 -16.95 3.89
N PRO A 188 -0.92 -16.04 3.36
CA PRO A 188 -0.35 -15.07 2.42
C PRO A 188 0.83 -14.32 2.99
N ALA A 189 1.58 -13.68 2.10
CA ALA A 189 2.74 -12.90 2.47
C ALA A 189 2.26 -11.71 3.31
N GLY A 190 3.15 -11.17 4.15
CA GLY A 190 2.76 -10.02 4.96
C GLY A 190 1.32 -10.08 5.45
N ALA A 191 1.03 -11.10 6.25
CA ALA A 191 -0.30 -11.27 6.79
C ALA A 191 -0.19 -11.94 8.13
N VAL A 192 -1.29 -11.94 8.88
CA VAL A 192 -1.37 -12.57 10.19
C VAL A 192 -2.79 -13.13 10.37
N MET A 193 -2.89 -14.44 10.57
CA MET A 193 -4.19 -15.09 10.78
C MET A 193 -4.58 -15.24 12.24
N ASP A 194 -5.66 -14.57 12.65
CA ASP A 194 -6.12 -14.64 14.03
C ASP A 194 -7.07 -15.83 14.11
N ILE A 195 -6.63 -16.88 14.77
CA ILE A 195 -7.42 -18.10 14.87
C ILE A 195 -7.93 -18.46 16.26
N ASP A 196 -9.24 -18.64 16.38
CA ASP A 196 -9.86 -19.05 17.64
C ASP A 196 -9.92 -20.57 17.62
N LEU A 197 -9.15 -21.23 18.49
CA LEU A 197 -9.11 -22.68 18.54
C LEU A 197 -10.46 -23.31 18.86
N GLY A 198 -11.24 -22.62 19.69
CA GLY A 198 -12.53 -23.12 20.07
C GLY A 198 -13.44 -23.31 18.88
N SER A 199 -13.82 -22.20 18.23
CA SER A 199 -14.71 -22.24 17.07
C SER A 199 -14.05 -22.65 15.76
N GLY A 200 -12.75 -22.45 15.67
CA GLY A 200 -12.04 -22.79 14.44
C GLY A 200 -12.20 -21.67 13.41
N THR A 201 -12.50 -20.47 13.90
CA THR A 201 -12.67 -19.31 13.04
C THR A 201 -11.32 -18.64 12.81
N ALA A 202 -11.11 -18.13 11.60
CA ALA A 202 -9.86 -17.48 11.26
C ALA A 202 -10.09 -16.16 10.53
N VAL A 203 -9.46 -15.11 11.04
CA VAL A 203 -9.53 -13.78 10.45
C VAL A 203 -8.11 -13.39 10.07
N THR A 204 -7.96 -12.85 8.86
CA THR A 204 -6.65 -12.47 8.35
C THR A 204 -6.47 -10.98 8.19
N HIS A 205 -5.33 -10.49 8.65
CA HIS A 205 -5.01 -9.08 8.56
C HIS A 205 -3.75 -8.95 7.72
N ARG A 206 -3.73 -8.06 6.73
CA ARG A 206 -2.53 -7.87 5.93
C ARG A 206 -1.71 -6.81 6.64
N THR A 207 -0.41 -7.07 6.78
CA THR A 207 0.52 -6.19 7.48
C THR A 207 1.50 -5.50 6.55
N TRP A 208 1.25 -5.66 5.25
CA TRP A 208 2.07 -5.05 4.23
C TRP A 208 1.53 -5.35 2.87
N THR A 209 1.65 -4.37 1.98
CA THR A 209 1.19 -4.49 0.61
C THR A 209 2.00 -3.51 -0.24
N PRO A 210 2.46 -3.96 -1.41
CA PRO A 210 3.26 -3.10 -2.29
C PRO A 210 2.65 -1.71 -2.44
N GLY A 211 3.52 -0.70 -2.53
CA GLY A 211 3.04 0.66 -2.71
C GLY A 211 2.58 0.81 -4.14
N LEU A 212 1.55 1.62 -4.35
CA LEU A 212 0.97 1.82 -5.68
C LEU A 212 1.25 3.23 -6.20
N SER A 213 1.72 4.10 -5.31
CA SER A 213 2.04 5.47 -5.64
C SER A 213 3.52 5.50 -6.00
N ARG A 214 3.98 6.55 -6.66
CA ARG A 214 5.40 6.62 -7.02
C ARG A 214 5.95 7.94 -6.53
N ARG A 215 7.23 7.97 -6.17
CA ARG A 215 7.82 9.22 -5.70
C ARG A 215 8.83 9.74 -6.70
N ILE A 216 9.05 11.05 -6.66
CA ILE A 216 9.99 11.73 -7.55
C ILE A 216 11.20 12.16 -6.72
N LEU A 217 12.38 12.09 -7.33
CA LEU A 217 13.63 12.46 -6.67
C LEU A 217 14.70 12.72 -7.73
N PRO A 218 15.56 13.73 -7.50
CA PRO A 218 16.62 14.04 -8.46
C PRO A 218 17.60 12.87 -8.44
N GLU A 219 18.32 12.66 -9.53
CA GLU A 219 19.24 11.54 -9.59
C GLU A 219 20.09 11.44 -8.34
N GLY A 220 20.69 12.57 -7.95
CA GLY A 220 21.54 12.60 -6.79
C GLY A 220 20.97 11.90 -5.58
N GLU A 221 19.89 12.45 -5.03
CA GLU A 221 19.27 11.88 -3.85
C GLU A 221 18.83 10.43 -4.06
N ALA A 222 18.27 10.14 -5.25
CA ALA A 222 17.78 8.80 -5.58
C ALA A 222 18.91 7.76 -5.56
N VAL A 223 20.02 8.08 -6.18
CA VAL A 223 21.16 7.17 -6.22
C VAL A 223 21.71 6.97 -4.83
N ALA A 224 21.74 8.03 -4.03
CA ALA A 224 22.25 7.93 -2.66
C ALA A 224 21.31 7.11 -1.75
N ALA A 225 20.03 7.40 -1.78
CA ALA A 225 19.10 6.66 -0.93
C ALA A 225 19.17 5.16 -1.25
N VAL A 226 19.19 4.79 -2.53
CA VAL A 226 19.25 3.38 -2.94
C VAL A 226 20.52 2.68 -2.44
N ARG A 227 21.62 3.41 -2.36
CA ARG A 227 22.88 2.83 -1.91
C ARG A 227 22.86 2.59 -0.42
N ALA A 228 22.45 3.62 0.29
CA ALA A 228 22.36 3.61 1.75
C ALA A 228 21.45 2.50 2.23
N ALA A 229 20.28 2.41 1.61
CA ALA A 229 19.33 1.36 1.97
C ALA A 229 19.93 -0.02 1.74
N LEU A 230 20.46 -0.25 0.54
CA LEU A 230 21.08 -1.55 0.21
C LEU A 230 22.19 -1.92 1.18
N GLU A 231 23.05 -0.96 1.50
CA GLU A 231 24.18 -1.18 2.42
C GLU A 231 23.67 -1.66 3.78
N LYS A 232 22.62 -1.02 4.26
CA LYS A 232 22.05 -1.36 5.56
C LYS A 232 21.35 -2.72 5.53
N ALA A 233 20.69 -3.01 4.40
CA ALA A 233 19.98 -4.29 4.24
C ALA A 233 20.98 -5.44 4.32
N VAL A 234 22.16 -5.19 3.78
CA VAL A 234 23.22 -6.19 3.79
C VAL A 234 23.87 -6.22 5.16
N ALA A 235 24.14 -5.03 5.71
CA ALA A 235 24.77 -4.95 7.01
C ALA A 235 23.96 -5.78 7.99
N GLN A 236 22.64 -5.60 7.99
CA GLN A 236 21.77 -6.36 8.88
C GLN A 236 21.87 -7.87 8.68
N ARG A 237 22.13 -8.29 7.44
CA ARG A 237 22.19 -9.73 7.09
C ARG A 237 23.52 -10.44 7.28
N VAL A 238 24.60 -9.69 7.45
CA VAL A 238 25.90 -10.29 7.64
C VAL A 238 26.16 -10.40 9.13
N THR A 239 26.68 -11.54 9.56
CA THR A 239 26.95 -11.77 10.97
C THR A 239 28.33 -11.22 11.33
N PRO A 240 28.45 -10.58 12.50
CA PRO A 240 29.75 -10.01 12.94
C PRO A 240 30.79 -11.10 13.16
N GLY A 241 31.92 -11.00 12.48
CA GLY A 241 32.94 -12.00 12.64
C GLY A 241 33.20 -12.84 11.38
N ASP A 242 32.30 -13.77 11.08
CA ASP A 242 32.49 -14.63 9.91
C ASP A 242 32.21 -13.99 8.56
N THR A 243 32.95 -14.45 7.56
CA THR A 243 32.82 -13.96 6.21
C THR A 243 31.65 -14.61 5.51
N PRO A 244 30.73 -13.80 5.00
CA PRO A 244 29.55 -14.35 4.31
C PRO A 244 29.89 -14.94 2.95
N LEU A 245 28.94 -15.64 2.35
CA LEU A 245 29.12 -16.22 1.04
C LEU A 245 28.06 -15.62 0.12
N VAL A 246 28.52 -15.11 -1.02
CA VAL A 246 27.64 -14.50 -2.00
C VAL A 246 27.66 -15.28 -3.33
N VAL A 247 26.49 -15.76 -3.74
CA VAL A 247 26.34 -16.49 -5.00
C VAL A 247 26.11 -15.39 -6.02
N LEU A 248 27.08 -15.25 -7.01
CA LEU A 248 27.06 -14.16 -7.98
C LEU A 248 27.23 -14.58 -9.41
N SER A 249 26.90 -13.73 -10.37
CA SER A 249 26.79 -14.00 -11.82
C SER A 249 27.84 -13.24 -12.56
N GLY A 250 28.03 -12.05 -11.95
CA GLY A 250 28.77 -11.05 -12.66
C GLY A 250 27.83 -10.15 -13.46
N GLY A 251 26.19 -10.16 -13.03
CA GLY A 251 25.16 -9.14 -12.93
C GLY A 251 25.35 -8.03 -11.93
N ILE A 252 24.77 -6.87 -12.23
CA ILE A 252 24.86 -5.76 -11.32
C ILE A 252 24.19 -6.08 -9.99
N ASP A 253 23.10 -6.84 -10.04
CA ASP A 253 22.39 -7.16 -8.81
C ASP A 253 23.28 -7.82 -7.75
N SER A 254 23.68 -9.07 -8.01
CA SER A 254 24.53 -9.81 -7.06
C SER A 254 25.91 -9.16 -6.85
N SER A 255 26.29 -8.26 -7.74
CA SER A 255 27.56 -7.56 -7.65
C SER A 255 27.36 -6.38 -6.73
N GLY A 256 26.14 -5.86 -6.72
CA GLY A 256 25.83 -4.75 -5.84
C GLY A 256 26.01 -5.30 -4.43
N VAL A 257 25.31 -6.39 -4.19
CA VAL A 257 25.35 -7.09 -2.92
C VAL A 257 26.76 -7.51 -2.50
N ALA A 258 27.50 -8.12 -3.43
CA ALA A 258 28.87 -8.54 -3.10
C ALA A 258 29.66 -7.33 -2.64
N ALA A 259 29.50 -6.21 -3.31
CA ALA A 259 30.23 -5.02 -2.96
C ALA A 259 29.91 -4.60 -1.53
N CYS A 260 28.63 -4.52 -1.20
CA CYS A 260 28.27 -4.09 0.15
C CYS A 260 28.71 -5.07 1.23
N ALA A 261 28.49 -6.37 0.98
CA ALA A 261 28.88 -7.41 1.94
C ALA A 261 30.39 -7.36 2.20
N HIS A 262 31.16 -7.15 1.14
CA HIS A 262 32.61 -7.08 1.27
C HIS A 262 33.01 -6.00 2.27
N ARG A 263 32.32 -4.87 2.22
CA ARG A 263 32.61 -3.76 3.11
C ARG A 263 32.17 -4.06 4.53
N ALA A 264 31.02 -4.71 4.67
CA ALA A 264 30.49 -5.03 5.98
C ALA A 264 31.25 -6.15 6.70
N ALA A 265 31.87 -7.05 5.95
CA ALA A 265 32.63 -8.15 6.58
C ALA A 265 34.14 -7.99 6.46
N GLY A 266 34.57 -7.07 5.59
CA GLY A 266 36.00 -6.87 5.40
C GLY A 266 36.65 -7.90 4.50
N GLU A 267 35.87 -8.93 4.12
CA GLU A 267 36.34 -10.02 3.25
C GLU A 267 35.10 -10.65 2.57
N LEU A 268 35.29 -11.38 1.47
CA LEU A 268 34.14 -11.97 0.80
C LEU A 268 34.38 -13.25 -0.01
N ASP A 269 33.63 -14.30 0.33
CA ASP A 269 33.72 -15.57 -0.38
C ASP A 269 32.64 -15.51 -1.45
N THR A 270 32.98 -15.84 -2.70
CA THR A 270 31.97 -15.83 -3.74
C THR A 270 31.93 -17.18 -4.45
N VAL A 271 30.82 -17.46 -5.12
CA VAL A 271 30.67 -18.71 -5.88
C VAL A 271 29.78 -18.45 -7.10
N SER A 272 30.15 -19.05 -8.23
CA SER A 272 29.37 -18.90 -9.46
C SER A 272 29.03 -20.25 -10.03
N MET A 273 27.82 -20.35 -10.55
CA MET A 273 27.35 -21.59 -11.14
C MET A 273 27.38 -21.53 -12.65
N GLY A 274 27.60 -22.68 -13.30
CA GLY A 274 27.63 -22.75 -14.75
C GLY A 274 27.29 -24.16 -15.24
N THR A 275 26.92 -24.31 -16.51
CA THR A 275 26.60 -25.65 -17.04
C THR A 275 27.52 -25.92 -18.24
N ASP A 276 27.39 -27.10 -18.85
CA ASP A 276 28.25 -27.42 -19.99
C ASP A 276 27.75 -26.82 -21.30
N THR A 277 26.68 -26.04 -21.20
CA THR A 277 26.08 -25.36 -22.34
C THR A 277 26.48 -23.88 -22.37
N SER A 278 26.58 -23.27 -21.19
CA SER A 278 26.96 -21.86 -21.12
C SER A 278 27.18 -21.49 -19.67
N ASN A 279 27.84 -20.36 -19.45
CA ASN A 279 28.08 -19.92 -18.09
C ASN A 279 28.39 -18.44 -18.10
N GLU A 280 28.59 -17.89 -16.92
CA GLU A 280 28.87 -16.48 -16.77
C GLU A 280 30.13 -16.31 -15.94
N PHE A 281 31.05 -17.27 -16.01
CA PHE A 281 32.29 -17.16 -15.24
C PHE A 281 33.13 -15.93 -15.56
N ARG A 282 33.12 -15.47 -16.80
CA ARG A 282 33.93 -14.30 -17.14
C ARG A 282 33.40 -13.02 -16.49
N GLU A 283 32.08 -12.86 -16.50
CA GLU A 283 31.46 -11.68 -15.92
C GLU A 283 31.67 -11.70 -14.40
N ALA A 284 31.57 -12.89 -13.83
CA ALA A 284 31.75 -13.12 -12.40
C ALA A 284 33.19 -12.85 -11.99
N ARG A 285 34.15 -13.33 -12.79
CA ARG A 285 35.58 -13.12 -12.50
C ARG A 285 35.93 -11.65 -12.46
N ALA A 286 35.33 -10.89 -13.37
CA ALA A 286 35.60 -9.45 -13.44
C ALA A 286 35.23 -8.77 -12.13
N VAL A 287 34.36 -9.40 -11.36
CA VAL A 287 33.91 -8.83 -10.10
C VAL A 287 34.76 -9.36 -8.94
N VAL A 288 35.04 -10.65 -8.94
CA VAL A 288 35.87 -11.23 -7.88
C VAL A 288 37.26 -10.55 -7.90
N ASP A 289 37.74 -10.17 -9.09
CA ASP A 289 39.04 -9.52 -9.21
C ASP A 289 39.00 -8.08 -8.73
N HIS A 290 37.92 -7.37 -9.02
CA HIS A 290 37.81 -5.99 -8.57
C HIS A 290 37.74 -5.94 -7.04
N LEU A 291 36.93 -6.82 -6.45
CA LEU A 291 36.75 -6.85 -4.99
C LEU A 291 37.75 -7.71 -4.23
N ARG A 292 38.44 -8.60 -4.95
CA ARG A 292 39.43 -9.52 -4.38
C ARG A 292 38.72 -10.49 -3.43
N THR A 293 37.76 -11.24 -3.96
CA THR A 293 37.03 -12.20 -3.16
C THR A 293 37.62 -13.59 -3.32
N ARG A 294 37.28 -14.50 -2.42
CA ARG A 294 37.76 -15.89 -2.49
C ARG A 294 36.72 -16.56 -3.40
N HIS A 295 37.09 -16.79 -4.65
CA HIS A 295 36.16 -17.37 -5.63
C HIS A 295 36.23 -18.87 -5.84
N ARG A 296 35.14 -19.40 -6.41
CA ARG A 296 34.98 -20.82 -6.72
C ARG A 296 33.92 -20.99 -7.80
N GLU A 297 34.29 -21.63 -8.90
CA GLU A 297 33.38 -21.85 -10.02
C GLU A 297 32.81 -23.26 -10.00
N ILE A 298 31.49 -23.39 -10.07
CA ILE A 298 30.91 -24.73 -10.09
C ILE A 298 30.20 -24.99 -11.40
N THR A 299 30.58 -26.07 -12.07
CA THR A 299 29.93 -26.39 -13.34
C THR A 299 29.14 -27.69 -13.20
N ILE A 300 27.84 -27.62 -13.44
CA ILE A 300 26.99 -28.80 -13.35
C ILE A 300 26.48 -29.20 -14.72
N PRO A 301 26.72 -30.45 -15.13
CA PRO A 301 26.27 -30.94 -16.43
C PRO A 301 24.78 -30.67 -16.70
N THR A 302 24.44 -30.19 -17.89
CA THR A 302 23.04 -29.95 -18.21
C THR A 302 22.16 -31.15 -17.84
N THR A 303 22.64 -32.36 -18.17
CA THR A 303 21.89 -33.58 -17.87
C THR A 303 21.61 -33.72 -16.36
N GLU A 304 22.61 -33.39 -15.55
CA GLU A 304 22.49 -33.47 -14.10
C GLU A 304 21.55 -32.34 -13.67
N LEU A 305 21.73 -31.18 -14.28
CA LEU A 305 20.91 -30.03 -14.00
C LEU A 305 19.43 -30.47 -14.11
N LEU A 306 19.01 -30.96 -15.28
CA LEU A 306 17.62 -31.43 -15.48
C LEU A 306 17.23 -32.58 -14.56
N ALA A 307 18.21 -33.42 -14.22
CA ALA A 307 17.95 -34.57 -13.35
C ALA A 307 17.57 -34.11 -11.94
N GLN A 308 17.82 -32.85 -11.63
CA GLN A 308 17.48 -32.33 -10.31
C GLN A 308 16.15 -31.59 -10.28
N LEU A 309 15.37 -31.72 -11.32
CA LEU A 309 14.08 -31.05 -11.37
C LEU A 309 13.20 -31.37 -10.17
N PRO A 310 13.01 -32.67 -9.85
CA PRO A 310 12.15 -32.97 -8.69
C PRO A 310 12.62 -32.41 -7.36
N TYR A 311 13.92 -32.18 -7.22
CA TYR A 311 14.48 -31.63 -5.98
C TYR A 311 14.14 -30.15 -5.84
N ALA A 312 14.14 -29.44 -6.96
CA ALA A 312 13.82 -28.02 -6.92
C ALA A 312 12.33 -27.82 -6.61
N VAL A 313 11.47 -28.64 -7.20
CA VAL A 313 10.05 -28.50 -6.95
C VAL A 313 9.71 -28.99 -5.54
N TRP A 314 10.46 -29.97 -5.08
CA TRP A 314 10.24 -30.54 -3.75
C TRP A 314 10.61 -29.51 -2.67
N ALA A 315 11.71 -28.79 -2.88
CA ALA A 315 12.13 -27.80 -1.89
C ALA A 315 11.30 -26.53 -1.93
N SER A 316 10.95 -26.07 -3.13
CA SER A 316 10.18 -24.84 -3.28
C SER A 316 8.69 -25.04 -3.07
N GLU A 317 8.20 -26.23 -3.39
CA GLU A 317 6.79 -26.51 -3.23
C GLU A 317 6.02 -25.56 -4.13
N SER A 318 6.56 -25.34 -5.32
CA SER A 318 5.94 -24.47 -6.31
C SER A 318 5.59 -25.29 -7.54
N VAL A 319 4.57 -24.85 -8.27
CA VAL A 319 4.18 -25.55 -9.48
C VAL A 319 4.29 -24.66 -10.70
N ASP A 320 4.93 -23.50 -10.52
CA ASP A 320 5.12 -22.54 -11.59
C ASP A 320 6.38 -22.87 -12.39
N PRO A 321 6.20 -23.33 -13.63
CA PRO A 321 7.25 -23.71 -14.58
C PRO A 321 8.39 -22.71 -14.72
N ASP A 322 8.05 -21.45 -14.88
CA ASP A 322 9.05 -20.40 -15.05
C ASP A 322 9.91 -20.16 -13.84
N ILE A 323 9.28 -20.13 -12.68
CA ILE A 323 10.00 -19.94 -11.43
C ILE A 323 10.93 -21.14 -11.26
N ILE A 324 10.41 -22.33 -11.55
CA ILE A 324 11.23 -23.53 -11.41
C ILE A 324 12.50 -23.40 -12.23
N GLU A 325 12.40 -22.87 -13.45
CA GLU A 325 13.58 -22.71 -14.29
C GLU A 325 14.56 -21.71 -13.66
N TYR A 326 14.04 -20.77 -12.87
CA TYR A 326 14.89 -19.79 -12.20
C TYR A 326 15.61 -20.44 -11.01
N LEU A 327 14.89 -21.32 -10.31
CA LEU A 327 15.41 -21.99 -9.12
C LEU A 327 16.30 -23.21 -9.38
N LEU A 328 16.01 -23.94 -10.45
CA LEU A 328 16.78 -25.14 -10.77
C LEU A 328 18.28 -24.84 -10.70
N PRO A 329 18.77 -23.86 -11.49
CA PRO A 329 20.21 -23.61 -11.39
C PRO A 329 20.68 -23.27 -9.97
N LEU A 330 19.97 -22.36 -9.31
CA LEU A 330 20.34 -21.96 -7.96
C LEU A 330 20.31 -23.16 -7.00
N THR A 331 19.24 -23.93 -7.04
CA THR A 331 19.12 -25.10 -6.17
C THR A 331 20.33 -26.03 -6.31
N ALA A 332 20.63 -26.44 -7.54
CA ALA A 332 21.77 -27.32 -7.79
C ALA A 332 23.03 -26.70 -7.15
N LEU A 333 23.29 -25.43 -7.44
CA LEU A 333 24.46 -24.75 -6.89
C LEU A 333 24.57 -24.92 -5.37
N TYR A 334 23.45 -24.80 -4.66
CA TYR A 334 23.45 -24.95 -3.21
C TYR A 334 23.83 -26.37 -2.82
N ARG A 335 23.26 -27.33 -3.54
CA ARG A 335 23.54 -28.73 -3.26
C ARG A 335 24.98 -29.14 -3.54
N ALA A 336 25.56 -28.59 -4.59
CA ALA A 336 26.94 -28.93 -4.96
C ALA A 336 27.95 -28.09 -4.20
N LEU A 337 27.45 -27.18 -3.38
CA LEU A 337 28.33 -26.33 -2.61
C LEU A 337 29.15 -27.20 -1.67
N ASP A 338 30.46 -27.01 -1.68
CA ASP A 338 31.36 -27.79 -0.81
C ASP A 338 31.71 -27.03 0.45
N GLY A 339 32.06 -27.76 1.51
CA GLY A 339 32.43 -27.13 2.76
C GLY A 339 31.31 -27.14 3.78
N PRO A 340 31.47 -26.43 4.90
CA PRO A 340 30.47 -26.35 5.96
C PRO A 340 29.29 -25.45 5.61
N GLU A 341 28.19 -25.60 6.36
CA GLU A 341 26.99 -24.80 6.15
C GLU A 341 27.37 -23.32 6.15
N ARG A 342 26.81 -22.57 5.20
CA ARG A 342 27.13 -21.14 5.07
C ARG A 342 25.90 -20.24 5.21
N ARG A 343 26.18 -18.94 5.41
CA ARG A 343 25.16 -17.91 5.48
C ARG A 343 25.34 -17.24 4.13
N ILE A 344 24.39 -17.48 3.22
CA ILE A 344 24.46 -16.96 1.87
C ILE A 344 23.57 -15.77 1.55
N LEU A 345 24.18 -14.74 0.96
CA LEU A 345 23.45 -13.54 0.56
C LEU A 345 23.22 -13.63 -0.96
N THR A 346 22.20 -12.96 -1.49
CA THR A 346 21.95 -13.03 -2.93
C THR A 346 21.54 -11.67 -3.48
N GLY A 347 21.39 -11.59 -4.80
CA GLY A 347 20.98 -10.35 -5.43
C GLY A 347 19.64 -10.61 -6.09
N TYR A 348 19.01 -11.71 -5.68
CA TYR A 348 17.72 -12.13 -6.21
C TYR A 348 16.58 -11.23 -5.82
N GLY A 349 15.71 -10.99 -6.80
CA GLY A 349 14.54 -10.17 -6.59
C GLY A 349 14.68 -8.75 -7.07
N ALA A 350 15.92 -8.30 -7.18
CA ALA A 350 16.19 -6.95 -7.63
C ALA A 350 15.40 -6.55 -8.87
N ASP A 351 15.19 -7.51 -9.78
CA ASP A 351 14.46 -7.21 -11.01
C ASP A 351 12.97 -7.00 -10.88
N ILE A 352 12.36 -7.65 -9.89
CA ILE A 352 10.91 -7.53 -9.71
C ILE A 352 10.41 -6.10 -9.57
N PRO A 353 11.05 -5.29 -8.70
CA PRO A 353 10.60 -3.91 -8.55
C PRO A 353 11.13 -3.04 -9.68
N LEU A 354 11.97 -3.60 -10.53
CA LEU A 354 12.55 -2.84 -11.63
C LEU A 354 12.08 -3.33 -13.03
N GLY A 355 11.33 -4.43 -13.07
CA GLY A 355 10.86 -4.96 -14.33
C GLY A 355 12.05 -5.32 -15.19
N GLY A 356 13.16 -5.67 -14.54
CA GLY A 356 14.37 -6.02 -15.27
C GLY A 356 14.32 -7.35 -16.03
N MET A 357 13.27 -8.13 -15.82
CA MET A 357 13.17 -9.42 -16.50
C MET A 357 12.33 -9.27 -17.77
N HIS A 358 11.88 -8.04 -18.02
CA HIS A 358 11.05 -7.73 -19.18
C HIS A 358 11.79 -6.91 -20.25
N ARG A 359 12.94 -6.33 -19.89
CA ARG A 359 13.70 -5.52 -20.84
C ARG A 359 12.82 -4.51 -21.57
N GLU A 360 12.21 -3.59 -20.81
CA GLU A 360 11.32 -2.55 -21.37
C GLU A 360 11.88 -1.14 -21.37
N ASP A 361 11.87 -0.51 -22.52
CA ASP A 361 12.37 0.84 -22.67
C ASP A 361 11.28 1.90 -22.55
N ARG A 362 10.03 1.45 -22.65
CA ARG A 362 8.86 2.33 -22.56
C ARG A 362 8.40 2.43 -21.12
N LEU A 363 8.48 3.63 -20.54
CA LEU A 363 8.07 3.78 -19.14
C LEU A 363 6.67 3.23 -18.84
N PRO A 364 5.66 3.59 -19.66
CA PRO A 364 4.30 3.10 -19.40
C PRO A 364 4.24 1.59 -19.27
N ALA A 365 4.78 0.88 -20.24
CA ALA A 365 4.75 -0.57 -20.16
C ALA A 365 5.59 -1.05 -18.95
N LEU A 366 6.68 -0.33 -18.65
CA LEU A 366 7.56 -0.72 -17.52
C LEU A 366 6.84 -0.68 -16.17
N ASP A 367 6.00 0.33 -16.00
CA ASP A 367 5.26 0.49 -14.76
C ASP A 367 4.15 -0.57 -14.69
N THR A 368 3.48 -0.79 -15.81
CA THR A 368 2.42 -1.77 -15.87
C THR A 368 3.02 -3.10 -15.45
N VAL A 369 4.11 -3.46 -16.10
CA VAL A 369 4.81 -4.70 -15.84
C VAL A 369 5.37 -4.87 -14.42
N LEU A 370 6.16 -3.89 -13.97
CA LEU A 370 6.74 -4.01 -12.64
C LEU A 370 5.62 -4.11 -11.58
N ALA A 371 4.54 -3.35 -11.75
CA ALA A 371 3.40 -3.35 -10.86
C ALA A 371 2.68 -4.61 -10.53
N HIS A 372 2.20 -5.38 -11.46
CA HIS A 372 1.36 -6.59 -11.23
C HIS A 372 2.25 -7.69 -10.78
N ASP A 373 3.47 -7.72 -11.35
CA ASP A 373 4.61 -8.46 -10.80
C ASP A 373 4.68 -8.33 -9.27
N MET A 374 4.52 -7.13 -8.72
CA MET A 374 4.52 -6.94 -7.28
C MET A 374 3.21 -7.45 -6.71
N ALA A 375 2.17 -7.51 -7.53
CA ALA A 375 0.89 -7.97 -7.02
C ALA A 375 0.64 -9.46 -7.26
N THR A 376 1.60 -10.16 -7.84
CA THR A 376 1.42 -11.58 -8.14
C THR A 376 2.57 -12.51 -7.72
N PHE A 377 3.46 -12.06 -6.84
CA PHE A 377 4.58 -12.92 -6.43
C PHE A 377 4.24 -13.95 -5.36
N ASP A 378 3.19 -13.67 -4.59
CA ASP A 378 2.79 -14.56 -3.50
C ASP A 378 2.32 -15.92 -4.03
N GLY A 379 2.85 -16.97 -3.43
CA GLY A 379 2.51 -18.32 -3.84
C GLY A 379 3.57 -18.98 -4.70
N LEU A 380 4.53 -18.19 -5.20
CA LEU A 380 5.61 -18.72 -6.05
C LEU A 380 6.74 -19.37 -5.26
N ASN A 381 6.95 -18.87 -4.05
CA ASN A 381 7.99 -19.33 -3.14
C ASN A 381 9.39 -19.23 -3.69
N GLU A 382 9.60 -18.38 -4.70
CA GLU A 382 10.91 -18.26 -5.31
C GLU A 382 11.99 -17.88 -4.33
N MET A 383 11.62 -17.20 -3.26
CA MET A 383 12.67 -16.82 -2.32
C MET A 383 12.73 -17.63 -1.04
N SER A 384 12.02 -18.76 -1.04
CA SER A 384 11.99 -19.67 0.10
C SER A 384 13.40 -20.06 0.52
N PRO A 385 13.63 -20.22 1.82
CA PRO A 385 14.95 -20.60 2.31
C PRO A 385 15.25 -22.09 2.05
N VAL A 386 14.20 -22.88 1.89
CA VAL A 386 14.34 -24.31 1.64
C VAL A 386 15.24 -24.61 0.44
N LEU A 387 15.19 -23.76 -0.58
CA LEU A 387 16.02 -23.95 -1.76
C LEU A 387 17.47 -24.21 -1.36
N SER A 388 17.89 -23.61 -0.24
CA SER A 388 19.27 -23.75 0.25
C SER A 388 19.42 -24.59 1.52
N THR A 389 18.43 -24.50 2.42
CA THR A 389 18.46 -25.24 3.68
C THR A 389 18.32 -26.74 3.45
N LEU A 390 17.94 -27.12 2.23
CA LEU A 390 17.79 -28.54 1.94
C LEU A 390 19.22 -29.09 1.86
N ALA A 391 20.19 -28.19 1.74
CA ALA A 391 21.59 -28.57 1.67
C ALA A 391 22.32 -28.11 2.93
N GLY A 392 21.58 -27.47 3.83
CA GLY A 392 22.15 -27.01 5.09
C GLY A 392 22.56 -25.55 5.07
N HIS A 393 22.29 -24.85 3.97
CA HIS A 393 22.67 -23.46 3.86
C HIS A 393 21.52 -22.50 4.05
N TRP A 394 21.79 -21.42 4.77
CA TRP A 394 20.79 -20.40 5.00
C TRP A 394 21.00 -19.29 3.99
N THR A 395 19.91 -18.86 3.35
CA THR A 395 19.96 -17.77 2.37
C THR A 395 19.05 -16.59 2.77
N THR A 396 19.48 -15.38 2.42
CA THR A 396 18.73 -14.17 2.72
C THR A 396 18.86 -13.25 1.49
N HIS A 397 17.85 -12.44 1.20
CA HIS A 397 17.91 -11.60 0.00
C HIS A 397 17.73 -10.14 0.33
N PRO A 398 18.84 -9.39 0.41
CA PRO A 398 18.75 -7.96 0.72
C PRO A 398 17.93 -7.04 -0.18
N TYR A 399 17.75 -7.39 -1.46
CA TYR A 399 16.95 -6.52 -2.32
C TYR A 399 15.48 -6.57 -1.92
N TRP A 400 15.07 -7.64 -1.24
CA TRP A 400 13.66 -7.78 -0.82
C TRP A 400 13.43 -7.46 0.66
N ASP A 401 14.42 -6.80 1.23
CA ASP A 401 14.39 -6.28 2.58
C ASP A 401 13.17 -5.36 2.52
N ARG A 402 12.36 -5.25 3.56
CA ARG A 402 11.19 -4.36 3.44
C ARG A 402 11.56 -2.92 3.05
N GLU A 403 12.58 -2.37 3.68
CA GLU A 403 12.98 -0.99 3.40
C GLU A 403 13.51 -0.77 1.97
N VAL A 404 14.29 -1.73 1.49
CA VAL A 404 14.84 -1.65 0.13
C VAL A 404 13.74 -1.89 -0.91
N LEU A 405 12.82 -2.80 -0.59
CA LEU A 405 11.72 -3.12 -1.52
C LEU A 405 10.79 -1.93 -1.67
N ASP A 406 10.41 -1.34 -0.53
CA ASP A 406 9.53 -0.17 -0.51
C ASP A 406 10.11 0.91 -1.40
N LEU A 407 11.36 1.28 -1.13
CA LEU A 407 12.04 2.32 -1.91
C LEU A 407 12.12 1.99 -3.38
N LEU A 408 12.69 0.83 -3.72
CA LEU A 408 12.81 0.46 -5.13
C LEU A 408 11.45 0.52 -5.81
N VAL A 409 10.44 -0.12 -5.22
CA VAL A 409 9.09 -0.11 -5.79
C VAL A 409 8.56 1.32 -6.00
N SER A 410 8.77 2.19 -5.02
CA SER A 410 8.25 3.56 -5.11
C SER A 410 8.85 4.45 -6.20
N LEU A 411 10.11 4.20 -6.57
CA LEU A 411 10.74 5.05 -7.58
C LEU A 411 9.94 5.13 -8.89
N GLU A 412 9.85 6.34 -9.44
CA GLU A 412 9.12 6.54 -10.69
C GLU A 412 9.89 5.89 -11.82
N ALA A 413 9.16 5.25 -12.72
CA ALA A 413 9.75 4.55 -13.86
C ALA A 413 10.94 5.26 -14.51
N GLY A 414 10.91 6.59 -14.54
CA GLY A 414 12.00 7.33 -15.16
C GLY A 414 13.34 7.19 -14.47
N LEU A 415 13.35 6.55 -13.30
CA LEU A 415 14.57 6.34 -12.52
C LEU A 415 15.01 4.88 -12.66
N LYS A 416 14.12 4.05 -13.20
CA LYS A 416 14.40 2.64 -13.40
C LYS A 416 15.00 2.53 -14.80
N ARG A 417 14.29 3.07 -15.78
CA ARG A 417 14.74 3.10 -17.17
C ARG A 417 15.21 4.52 -17.42
N ARG A 418 16.52 4.72 -17.46
CA ARG A 418 17.08 6.06 -17.66
C ARG A 418 18.47 5.98 -18.31
N HIS A 419 18.82 7.00 -19.08
CA HIS A 419 20.12 7.04 -19.75
C HIS A 419 20.42 5.79 -20.55
N GLY A 420 19.43 5.32 -21.29
CA GLY A 420 19.62 4.14 -22.10
C GLY A 420 19.84 2.84 -21.35
N ARG A 421 19.76 2.87 -20.02
CA ARG A 421 19.97 1.65 -19.23
C ARG A 421 18.74 1.27 -18.41
N ASP A 422 18.61 -0.01 -18.07
CA ASP A 422 17.49 -0.42 -17.22
C ASP A 422 18.04 -0.49 -15.81
N LYS A 423 17.13 -0.61 -14.84
CA LYS A 423 17.51 -0.67 -13.43
C LYS A 423 18.52 0.43 -13.12
N TRP A 424 18.52 1.48 -13.94
CA TRP A 424 19.45 2.58 -13.82
C TRP A 424 19.82 2.99 -12.40
N VAL A 425 18.82 3.37 -11.62
CA VAL A 425 19.06 3.82 -10.24
C VAL A 425 20.04 2.89 -9.50
N LEU A 426 19.82 1.58 -9.58
CA LEU A 426 20.71 0.65 -8.90
C LEU A 426 22.10 0.65 -9.54
N ARG A 427 22.15 0.69 -10.87
CA ARG A 427 23.44 0.69 -11.53
C ARG A 427 24.24 1.88 -11.05
N ALA A 428 23.61 3.05 -11.01
CA ALA A 428 24.34 4.23 -10.58
C ALA A 428 24.71 4.17 -9.10
N ALA A 429 23.91 3.46 -8.31
CA ALA A 429 24.18 3.36 -6.87
C ALA A 429 25.43 2.55 -6.55
N MET A 430 25.87 1.74 -7.49
CA MET A 430 27.05 0.92 -7.24
C MET A 430 28.21 1.26 -8.16
N ALA A 431 28.06 2.32 -8.96
CA ALA A 431 29.10 2.70 -9.92
C ALA A 431 30.48 3.02 -9.32
N ASP A 432 30.55 3.37 -8.04
CA ASP A 432 31.83 3.68 -7.42
C ASP A 432 32.43 2.52 -6.63
N ALA A 433 31.90 1.32 -6.82
CA ALA A 433 32.43 0.17 -6.10
C ALA A 433 32.60 -1.03 -7.02
N LEU A 434 32.18 -0.88 -8.27
CA LEU A 434 32.26 -1.95 -9.25
C LEU A 434 32.77 -1.41 -10.58
N PRO A 435 33.37 -2.29 -11.40
CA PRO A 435 33.88 -1.85 -12.70
C PRO A 435 32.75 -1.45 -13.63
N ALA A 436 33.06 -0.48 -14.48
CA ALA A 436 32.11 0.04 -15.47
C ALA A 436 31.46 -1.06 -16.33
N GLU A 437 32.23 -2.06 -16.71
CA GLU A 437 31.71 -3.14 -17.52
C GLU A 437 30.60 -3.84 -16.74
N THR A 438 30.81 -3.98 -15.44
CA THR A 438 29.83 -4.63 -14.56
C THR A 438 28.58 -3.78 -14.41
N VAL A 439 28.76 -2.54 -13.96
CA VAL A 439 27.65 -1.62 -13.72
C VAL A 439 26.67 -1.53 -14.92
N ASN A 440 27.23 -1.50 -16.13
CA ASN A 440 26.44 -1.39 -17.38
C ASN A 440 26.23 -2.72 -18.13
N ARG A 441 26.52 -3.85 -17.47
CA ARG A 441 26.33 -5.12 -18.14
C ARG A 441 24.85 -5.42 -18.29
N PRO A 442 24.40 -5.72 -19.53
CA PRO A 442 22.98 -6.02 -19.80
C PRO A 442 22.41 -7.13 -18.93
N LYS A 443 21.12 -7.03 -18.63
CA LYS A 443 20.48 -8.02 -17.77
C LYS A 443 20.56 -9.40 -18.41
N LEU A 444 20.83 -10.41 -17.58
CA LEU A 444 20.91 -11.81 -18.04
C LEU A 444 20.42 -12.77 -16.97
N GLY A 445 19.28 -13.41 -17.22
CA GLY A 445 18.74 -14.35 -16.25
C GLY A 445 19.67 -15.52 -15.92
N VAL A 446 19.59 -16.01 -14.69
CA VAL A 446 20.40 -17.14 -14.25
C VAL A 446 20.07 -18.33 -15.11
N HIS A 447 18.80 -18.41 -15.49
CA HIS A 447 18.29 -19.49 -16.33
C HIS A 447 18.64 -19.30 -17.81
N GLU A 448 19.14 -18.11 -18.15
CA GLU A 448 19.53 -17.79 -19.53
C GLU A 448 21.04 -18.01 -19.69
N GLY A 449 21.82 -17.42 -18.78
CA GLY A 449 23.26 -17.53 -18.82
C GLY A 449 23.79 -18.90 -18.48
N SER A 450 22.89 -19.86 -18.33
CA SER A 450 23.29 -21.22 -18.02
C SER A 450 22.62 -22.20 -18.97
N GLY A 451 21.63 -21.72 -19.71
CA GLY A 451 20.94 -22.58 -20.64
C GLY A 451 19.97 -23.52 -19.97
N THR A 452 19.31 -23.08 -18.90
CA THR A 452 18.36 -23.95 -18.23
C THR A 452 17.10 -24.10 -19.06
N THR A 453 16.54 -22.96 -19.44
CA THR A 453 15.33 -22.89 -20.23
C THR A 453 15.47 -23.57 -21.59
N SER A 454 16.60 -23.32 -22.26
CA SER A 454 16.83 -23.94 -23.58
C SER A 454 16.95 -25.45 -23.41
N SER A 455 17.82 -25.89 -22.50
CA SER A 455 18.05 -27.32 -22.24
C SER A 455 16.77 -28.05 -21.86
N PHE A 456 16.00 -27.42 -20.98
CA PHE A 456 14.76 -28.04 -20.53
C PHE A 456 13.81 -28.16 -21.73
N SER A 457 13.86 -27.16 -22.63
CA SER A 457 13.12 -27.36 -23.94
C SER A 457 14.14 -28.42 -24.57
N ARG A 458 15.10 -28.36 -23.58
CA ARG A 458 15.34 -30.27 -25.65
C ARG A 458 14.60 -31.54 -25.31
N LEU A 459 14.90 -31.95 -24.07
CA LEU A 459 14.39 -33.07 -23.34
C LEU A 459 12.86 -33.12 -23.50
N LEU A 460 12.38 -32.37 -23.79
CA LEU A 460 10.95 -32.34 -24.21
C LEU A 460 10.78 -32.54 -25.69
N LEU A 461 11.37 -31.61 -26.46
CA LEU A 461 11.30 -31.71 -27.90
C LEU A 461 11.88 -33.05 -28.32
N ASP A 462 12.87 -33.54 -27.57
CA ASP A 462 13.52 -34.81 -27.87
C ASP A 462 12.66 -36.00 -27.45
N HIS A 463 11.45 -35.72 -27.00
CA HIS A 463 10.52 -36.77 -26.55
C HIS A 463 9.24 -36.68 -27.34
N GLY A 464 9.20 -35.74 -28.27
CA GLY A 464 8.01 -35.59 -29.09
C GLY A 464 7.34 -34.24 -29.03
N VAL A 465 6.99 -33.76 -27.84
CA VAL A 465 6.29 -32.47 -27.73
C VAL A 465 6.85 -31.43 -28.70
N ALA A 466 5.97 -30.86 -29.51
CA ALA A 466 6.41 -29.85 -30.47
C ALA A 466 6.21 -28.45 -29.91
N GLU A 467 6.46 -27.44 -30.72
CA GLU A 467 6.41 -26.04 -30.51
C GLU A 467 5.31 -25.43 -29.70
N ASP A 468 4.14 -25.27 -30.23
CA ASP A 468 2.94 -24.59 -29.73
C ASP A 468 2.40 -25.34 -28.54
N ARG A 469 3.26 -26.16 -27.91
CA ARG A 469 3.00 -26.85 -26.67
C ARG A 469 4.03 -26.59 -25.55
N VAL A 470 5.29 -26.55 -25.89
CA VAL A 470 6.45 -26.75 -25.00
C VAL A 470 6.17 -26.17 -23.61
N HIS A 471 5.82 -24.89 -23.56
CA HIS A 471 5.56 -24.23 -22.28
C HIS A 471 4.57 -25.01 -21.42
N GLU A 472 3.40 -25.33 -21.98
CA GLU A 472 2.37 -26.07 -21.26
C GLU A 472 2.88 -27.45 -20.82
N ALA A 473 3.73 -28.05 -21.64
CA ALA A 473 4.27 -29.36 -21.31
C ALA A 473 5.13 -29.24 -20.05
N LYS A 474 6.01 -28.23 -20.01
CA LYS A 474 6.86 -28.03 -18.85
C LYS A 474 5.99 -27.87 -17.62
N ARG A 475 4.87 -27.21 -17.81
CA ARG A 475 3.91 -26.96 -16.75
C ARG A 475 3.30 -28.27 -16.26
N GLN A 476 3.11 -29.24 -17.16
CA GLN A 476 2.56 -30.55 -16.80
C GLN A 476 3.61 -31.38 -16.07
N VAL A 477 4.87 -31.20 -16.46
CA VAL A 477 5.97 -31.95 -15.82
C VAL A 477 6.16 -31.47 -14.39
N VAL A 478 6.19 -30.15 -14.24
CA VAL A 478 6.37 -29.52 -12.94
C VAL A 478 5.20 -29.85 -12.03
N ARG A 479 3.98 -29.84 -12.56
CA ARG A 479 2.83 -30.14 -11.72
C ARG A 479 2.86 -31.60 -11.27
N GLU A 480 3.37 -32.46 -12.15
CA GLU A 480 3.51 -33.88 -11.87
C GLU A 480 4.52 -34.16 -10.76
N LEU A 481 5.67 -33.49 -10.85
CA LEU A 481 6.72 -33.64 -9.87
C LEU A 481 6.19 -33.24 -8.49
N PHE A 482 5.36 -32.21 -8.47
CA PHE A 482 4.79 -31.72 -7.23
C PHE A 482 3.92 -32.79 -6.58
N ASP A 483 2.91 -33.26 -7.31
CA ASP A 483 2.02 -34.29 -6.79
C ASP A 483 2.78 -35.47 -6.22
N LEU A 484 3.81 -35.92 -6.94
CA LEU A 484 4.60 -37.06 -6.48
C LEU A 484 5.41 -36.77 -5.22
N THR A 485 6.15 -35.66 -5.22
CA THR A 485 7.01 -35.32 -4.09
C THR A 485 6.32 -34.59 -2.94
N VAL A 486 5.75 -33.42 -3.23
CA VAL A 486 5.08 -32.65 -2.18
C VAL A 486 3.79 -33.29 -1.68
N GLY A 487 2.90 -33.57 -2.61
CA GLY A 487 1.66 -34.18 -2.20
C GLY A 487 1.68 -35.70 -2.19
N GLY A 488 2.85 -36.31 -2.35
CA GLY A 488 2.85 -37.76 -2.38
C GLY A 488 3.70 -38.48 -1.36
N GLY A 489 4.63 -37.76 -0.76
CA GLY A 489 5.50 -38.39 0.22
C GLY A 489 6.69 -39.02 -0.49
N ARG A 490 6.83 -38.82 -1.80
CA ARG A 490 7.96 -39.40 -2.53
C ARG A 490 9.19 -38.51 -2.57
N HIS A 491 10.32 -39.04 -2.11
CA HIS A 491 11.56 -38.27 -2.12
C HIS A 491 12.00 -38.07 -3.57
N PRO A 492 12.57 -36.89 -3.88
CA PRO A 492 13.03 -36.61 -5.24
C PRO A 492 13.87 -37.75 -5.84
N SER A 493 14.77 -38.31 -5.04
CA SER A 493 15.63 -39.39 -5.49
C SER A 493 14.85 -40.61 -5.97
N GLU A 494 13.54 -40.63 -5.70
CA GLU A 494 12.69 -41.75 -6.11
C GLU A 494 11.89 -41.38 -7.36
N VAL A 495 11.99 -40.13 -7.78
CA VAL A 495 11.27 -39.69 -8.97
C VAL A 495 12.25 -39.44 -10.09
N ASP A 496 12.18 -40.27 -11.13
CA ASP A 496 13.08 -40.14 -12.27
C ASP A 496 12.50 -39.14 -13.27
N THR A 497 13.17 -38.00 -13.39
CA THR A 497 12.76 -36.91 -14.28
C THR A 497 12.38 -37.40 -15.68
N ASP A 498 13.30 -38.09 -16.33
CA ASP A 498 13.06 -38.60 -17.68
C ASP A 498 11.78 -39.45 -17.82
N ASP A 499 11.36 -40.07 -16.73
CA ASP A 499 10.16 -40.91 -16.69
C ASP A 499 8.91 -40.01 -16.72
N VAL A 500 8.87 -39.01 -15.84
CA VAL A 500 7.76 -38.07 -15.75
C VAL A 500 7.61 -37.27 -17.05
N VAL A 501 8.74 -37.00 -17.71
CA VAL A 501 8.77 -36.27 -18.98
C VAL A 501 8.06 -37.10 -20.06
N ARG A 502 8.41 -38.38 -20.11
CA ARG A 502 7.85 -39.33 -21.05
C ARG A 502 6.32 -39.40 -20.92
N SER A 503 5.85 -39.67 -19.71
CA SER A 503 4.41 -39.79 -19.49
C SER A 503 3.62 -38.55 -19.88
N VAL A 504 4.33 -37.42 -20.04
CA VAL A 504 3.71 -36.14 -20.41
C VAL A 504 3.84 -35.85 -21.91
N ALA A 505 4.90 -36.37 -22.53
CA ALA A 505 5.13 -36.12 -24.00
C ALA A 505 4.11 -36.82 -24.86
N ASP A 506 2.98 -36.11 -24.99
CA ASP A 506 1.69 -36.66 -25.45
C ASP A 506 0.72 -35.65 -25.93
N ARG A 507 -0.56 -35.91 -26.02
CA ARG A 507 -1.68 -35.05 -26.23
C ARG A 507 -1.49 -34.26 -27.53
N ALA B 3 -0.63 33.46 -9.13
CA ALA B 3 -1.52 34.66 -9.07
C ALA B 3 -2.96 34.23 -8.78
N PRO B 4 -3.45 33.18 -9.45
CA PRO B 4 -4.84 32.76 -9.17
C PRO B 4 -4.98 32.17 -7.75
N VAL B 5 -5.95 32.69 -7.01
CA VAL B 5 -6.23 32.22 -5.65
C VAL B 5 -7.02 30.90 -5.65
N LEU B 6 -8.01 30.79 -6.53
CA LEU B 6 -8.84 29.59 -6.63
C LEU B 6 -8.51 28.73 -7.86
N PRO B 7 -8.70 27.41 -7.78
CA PRO B 7 -8.41 26.54 -8.93
C PRO B 7 -9.13 26.96 -10.22
N ALA B 8 -8.63 26.49 -11.37
CA ALA B 8 -9.19 26.83 -12.66
C ALA B 8 -10.68 26.56 -12.74
N ALA B 9 -11.09 25.42 -12.21
CA ALA B 9 -12.49 25.02 -12.22
C ALA B 9 -12.78 24.23 -10.94
N PHE B 10 -13.97 24.39 -10.38
CA PHE B 10 -14.36 23.67 -9.15
C PHE B 10 -14.87 22.26 -9.45
N GLY B 11 -15.66 22.13 -10.52
CA GLY B 11 -16.20 20.84 -10.87
C GLY B 11 -16.49 20.83 -12.36
N PHE B 12 -17.26 19.85 -12.82
CA PHE B 12 -17.56 19.78 -14.22
C PHE B 12 -18.55 18.68 -14.53
N LEU B 13 -18.95 18.62 -15.79
CA LEU B 13 -19.84 17.59 -16.29
C LEU B 13 -19.31 17.39 -17.69
N ALA B 14 -18.52 16.34 -17.87
CA ALA B 14 -17.93 16.01 -19.15
C ALA B 14 -18.77 14.92 -19.82
N SER B 15 -18.73 14.90 -21.15
CA SER B 15 -19.46 13.91 -21.92
C SER B 15 -18.65 13.44 -23.10
N ALA B 16 -18.47 12.14 -23.20
CA ALA B 16 -17.74 11.53 -24.30
C ALA B 16 -18.78 10.67 -24.99
N ARG B 17 -19.34 11.20 -26.07
CA ARG B 17 -20.38 10.47 -26.79
C ARG B 17 -20.01 10.16 -28.23
N THR B 18 -20.36 8.95 -28.65
CA THR B 18 -20.06 8.53 -30.01
C THR B 18 -21.21 8.87 -30.97
N GLY B 19 -22.21 9.58 -30.48
CA GLY B 19 -23.30 9.91 -31.35
C GLY B 19 -24.38 10.74 -30.68
N GLY B 20 -24.62 11.93 -31.23
CA GLY B 20 -25.63 12.80 -30.68
C GLY B 20 -25.44 14.23 -31.15
N GLY B 25 -27.44 20.58 -19.80
CA GLY B 25 -27.83 21.61 -18.80
C GLY B 25 -27.57 21.13 -17.39
N PRO B 26 -26.30 21.16 -16.95
CA PRO B 26 -25.88 20.72 -15.61
C PRO B 26 -26.49 21.54 -14.47
N VAL B 27 -26.71 20.89 -13.34
CA VAL B 27 -27.27 21.54 -12.18
C VAL B 27 -26.37 21.26 -10.99
N PHE B 28 -25.42 22.15 -10.74
CA PHE B 28 -24.46 21.96 -9.65
C PHE B 28 -24.84 22.64 -8.34
N ALA B 29 -24.33 22.10 -7.24
CA ALA B 29 -24.56 22.71 -5.94
C ALA B 29 -23.43 23.73 -5.79
N THR B 30 -22.34 23.52 -6.54
CA THR B 30 -21.19 24.42 -6.52
C THR B 30 -21.59 25.74 -7.19
N ARG B 31 -21.11 26.85 -6.64
CA ARG B 31 -21.43 28.20 -7.14
C ARG B 31 -20.38 28.76 -8.08
N GLY B 32 -20.81 29.20 -9.25
CA GLY B 32 -19.88 29.74 -10.20
C GLY B 32 -20.51 29.76 -11.57
N SER B 33 -19.88 30.47 -12.48
CA SER B 33 -20.37 30.56 -13.83
C SER B 33 -20.14 29.21 -14.47
N HIS B 34 -20.92 28.90 -15.51
CA HIS B 34 -20.79 27.65 -16.25
C HIS B 34 -20.29 27.96 -17.64
N THR B 35 -19.20 27.30 -18.02
CA THR B 35 -18.62 27.52 -19.33
C THR B 35 -18.41 26.18 -20.02
N ASP B 36 -19.00 25.99 -21.20
CA ASP B 36 -18.80 24.73 -21.92
C ASP B 36 -17.45 24.88 -22.63
N ILE B 37 -16.72 23.80 -22.78
CA ILE B 37 -15.43 23.88 -23.46
C ILE B 37 -15.67 23.71 -24.97
N ASP B 38 -14.83 24.30 -25.79
CA ASP B 38 -14.98 24.19 -27.24
C ASP B 38 -14.89 22.73 -27.69
N THR B 39 -15.68 22.36 -28.69
CA THR B 39 -15.68 20.99 -29.20
C THR B 39 -15.14 20.92 -30.63
N PRO B 40 -13.84 21.23 -30.81
CA PRO B 40 -13.20 21.22 -32.12
C PRO B 40 -13.59 20.08 -33.07
N GLN B 41 -13.14 18.85 -32.77
CA GLN B 41 -13.47 17.72 -33.64
C GLN B 41 -14.93 17.23 -33.55
N GLY B 42 -15.86 18.18 -33.44
CA GLY B 42 -17.28 17.84 -33.38
C GLY B 42 -17.68 16.77 -32.39
N GLU B 43 -18.04 15.60 -32.90
CA GLU B 43 -18.45 14.48 -32.06
C GLU B 43 -17.28 13.71 -31.45
N ARG B 44 -16.17 13.65 -32.17
CA ARG B 44 -15.00 12.93 -31.72
C ARG B 44 -14.22 13.71 -30.65
N SER B 45 -14.82 14.78 -30.14
CA SER B 45 -14.17 15.60 -29.12
C SER B 45 -14.86 15.43 -27.79
N LEU B 46 -14.24 15.98 -26.74
CA LEU B 46 -14.82 15.89 -25.40
C LEU B 46 -15.70 17.10 -25.09
N ALA B 47 -16.92 16.83 -24.65
CA ALA B 47 -17.85 17.87 -24.29
C ALA B 47 -17.76 18.00 -22.77
N ALA B 48 -17.75 19.24 -22.27
CA ALA B 48 -17.67 19.48 -20.82
C ALA B 48 -18.12 20.86 -20.41
N THR B 49 -18.80 20.93 -19.29
CA THR B 49 -19.27 22.20 -18.74
C THR B 49 -18.53 22.39 -17.43
N LEU B 50 -17.63 23.35 -17.38
CA LEU B 50 -16.87 23.59 -16.16
C LEU B 50 -17.53 24.68 -15.32
N VAL B 51 -17.82 24.39 -14.06
CA VAL B 51 -18.39 25.39 -13.17
C VAL B 51 -17.16 25.96 -12.45
N HIS B 52 -16.96 27.27 -12.55
CA HIS B 52 -15.78 27.93 -11.95
C HIS B 52 -16.04 29.31 -11.32
N ALA B 53 -14.98 29.86 -10.71
CA ALA B 53 -15.05 31.17 -10.05
C ALA B 53 -15.39 32.33 -10.97
N PRO B 54 -16.50 33.01 -10.69
CA PRO B 54 -16.83 34.17 -11.52
C PRO B 54 -15.58 35.11 -11.55
N SER B 55 -15.45 35.58 -12.76
CA SER B 55 -14.52 36.48 -13.36
C SER B 55 -13.23 35.88 -13.83
N VAL B 56 -13.02 34.57 -13.56
CA VAL B 56 -11.69 34.04 -13.96
C VAL B 56 -11.90 32.98 -15.02
N ALA B 57 -11.45 33.22 -16.23
CA ALA B 57 -11.60 32.24 -17.30
C ALA B 57 -11.00 30.90 -16.87
N PRO B 58 -11.69 29.79 -17.14
CA PRO B 58 -11.23 28.45 -16.78
C PRO B 58 -10.26 27.82 -17.77
N ASP B 59 -9.58 28.66 -18.55
CA ASP B 59 -8.64 28.15 -19.54
C ASP B 59 -7.58 27.23 -18.90
N ARG B 60 -7.09 27.57 -17.72
CA ARG B 60 -6.09 26.73 -17.10
C ARG B 60 -6.62 25.37 -16.66
N ALA B 61 -7.91 25.14 -16.85
CA ALA B 61 -8.53 23.87 -16.47
C ALA B 61 -8.62 22.88 -17.64
N VAL B 62 -8.42 23.39 -18.85
CA VAL B 62 -8.48 22.60 -20.07
C VAL B 62 -7.12 22.51 -20.79
N ALA B 63 -6.87 21.36 -21.42
CA ALA B 63 -5.63 21.12 -22.17
C ALA B 63 -5.90 20.14 -23.31
N ARG B 64 -5.22 20.34 -24.44
CA ARG B 64 -5.40 19.47 -25.60
C ARG B 64 -4.04 19.02 -26.16
N SER B 65 -4.06 18.10 -27.11
CA SER B 65 -2.83 17.57 -27.73
C SER B 65 -2.12 18.66 -28.53
N LEU B 66 -0.84 18.47 -28.75
CA LEU B 66 -0.07 19.43 -29.51
C LEU B 66 0.08 19.01 -30.97
N THR B 67 -0.65 17.96 -31.34
CA THR B 67 -0.63 17.45 -32.71
C THR B 67 -2.00 17.53 -33.38
N GLY B 68 -2.82 18.50 -32.94
CA GLY B 68 -4.16 18.66 -33.49
C GLY B 68 -4.91 17.34 -33.53
N ALA B 69 -4.70 16.50 -32.52
CA ALA B 69 -5.35 15.20 -32.42
C ALA B 69 -6.53 15.19 -31.42
N PRO B 70 -7.49 14.26 -31.58
CA PRO B 70 -8.66 14.16 -30.70
C PRO B 70 -8.36 13.90 -29.23
N THR B 71 -7.42 14.66 -28.66
CA THR B 71 -7.09 14.49 -27.25
C THR B 71 -7.40 15.76 -26.47
N THR B 72 -8.10 15.57 -25.35
CA THR B 72 -8.49 16.69 -24.50
C THR B 72 -8.60 16.25 -23.05
N ALA B 73 -8.24 17.16 -22.15
CA ALA B 73 -8.33 16.86 -20.73
C ALA B 73 -8.95 18.02 -19.95
N VAL B 74 -9.81 17.67 -19.00
CA VAL B 74 -10.48 18.64 -18.15
C VAL B 74 -10.08 18.26 -16.72
N LEU B 75 -9.75 19.26 -15.90
CA LEU B 75 -9.33 18.99 -14.53
C LEU B 75 -9.89 19.95 -13.49
N ALA B 76 -10.64 19.41 -12.53
CA ALA B 76 -11.23 20.19 -11.45
C ALA B 76 -10.29 20.10 -10.25
N GLY B 77 -10.00 21.23 -9.63
CA GLY B 77 -9.10 21.22 -8.49
C GLY B 77 -7.70 21.71 -8.84
N GLU B 78 -6.69 21.10 -8.21
CA GLU B 78 -5.31 21.52 -8.41
C GLU B 78 -4.31 20.48 -7.90
N ILE B 79 -3.03 20.73 -8.20
CA ILE B 79 -1.89 19.87 -7.84
C ILE B 79 -0.92 20.62 -6.92
N TYR B 80 -0.33 19.94 -5.95
CA TYR B 80 0.58 20.61 -5.01
C TYR B 80 2.06 20.32 -5.21
N ASN B 81 2.39 19.17 -5.79
CA ASN B 81 3.80 18.87 -6.01
C ASN B 81 4.17 19.22 -7.44
N ARG B 82 3.77 20.40 -7.89
CA ARG B 82 4.05 20.86 -9.25
C ARG B 82 5.54 20.84 -9.58
N ASP B 83 6.38 21.39 -8.71
CA ASP B 83 7.80 21.40 -9.01
C ASP B 83 8.35 20.01 -9.22
N GLU B 84 7.83 19.04 -8.48
CA GLU B 84 8.29 17.67 -8.62
C GLU B 84 7.84 17.13 -9.99
N LEU B 85 6.58 17.38 -10.33
CA LEU B 85 6.09 16.90 -11.61
C LEU B 85 6.87 17.53 -12.78
N LEU B 86 7.20 18.82 -12.65
CA LEU B 86 7.94 19.52 -13.67
C LEU B 86 9.36 18.96 -13.87
N SER B 87 9.97 18.47 -12.79
CA SER B 87 11.33 17.95 -12.87
C SER B 87 11.46 16.69 -13.72
N VAL B 88 10.38 15.92 -13.80
CA VAL B 88 10.42 14.70 -14.62
C VAL B 88 9.91 15.01 -16.04
N LEU B 89 9.78 16.28 -16.35
CA LEU B 89 9.34 16.66 -17.68
C LEU B 89 10.46 17.40 -18.41
N PRO B 90 10.72 17.06 -19.68
CA PRO B 90 11.80 17.76 -20.37
C PRO B 90 11.57 19.27 -20.34
N ALA B 91 12.65 20.04 -20.12
CA ALA B 91 12.54 21.51 -20.07
C ALA B 91 12.04 22.04 -21.42
N GLY B 92 11.08 22.96 -21.37
CA GLY B 92 10.55 23.52 -22.60
C GLY B 92 9.04 23.73 -22.58
N PRO B 93 8.23 22.69 -22.93
CA PRO B 93 6.76 22.79 -22.93
C PRO B 93 6.17 23.04 -21.55
N ALA B 94 6.69 24.07 -20.88
CA ALA B 94 6.23 24.45 -19.55
C ALA B 94 4.71 24.61 -19.56
N PRO B 95 3.98 23.62 -18.99
CA PRO B 95 2.52 23.69 -18.96
C PRO B 95 1.97 24.98 -18.38
N GLU B 96 0.76 25.34 -18.80
CA GLU B 96 0.11 26.55 -18.32
C GLU B 96 -0.52 26.26 -16.96
N GLY B 97 -1.60 25.50 -16.96
CA GLY B 97 -2.23 25.16 -15.69
C GLY B 97 -1.98 23.71 -15.33
N ASP B 98 -2.77 23.20 -14.39
CA ASP B 98 -2.65 21.82 -13.93
C ASP B 98 -3.14 20.84 -14.98
N ALA B 99 -4.10 21.25 -15.78
CA ALA B 99 -4.64 20.38 -16.84
C ALA B 99 -3.48 19.95 -17.76
N GLU B 100 -2.75 20.93 -18.30
CA GLU B 100 -1.60 20.67 -19.17
C GLU B 100 -0.53 19.83 -18.47
N LEU B 101 -0.37 20.06 -17.16
CA LEU B 101 0.62 19.33 -16.37
C LEU B 101 0.30 17.84 -16.47
N VAL B 102 -0.96 17.50 -16.20
CA VAL B 102 -1.42 16.13 -16.29
C VAL B 102 -1.27 15.65 -17.72
N LEU B 103 -1.68 16.49 -18.68
CA LEU B 103 -1.59 16.09 -20.09
C LEU B 103 -0.16 15.79 -20.55
N ARG B 104 0.80 16.59 -20.08
CA ARG B 104 2.19 16.35 -20.45
C ARG B 104 2.64 15.06 -19.74
N LEU B 105 2.17 14.87 -18.51
CA LEU B 105 2.52 13.68 -17.74
C LEU B 105 1.91 12.42 -18.36
N LEU B 106 0.70 12.54 -18.91
CA LEU B 106 0.02 11.39 -19.54
C LEU B 106 0.79 10.88 -20.77
N GLU B 107 1.49 11.79 -21.44
CA GLU B 107 2.27 11.46 -22.64
C GLU B 107 3.56 10.71 -22.31
N ARG B 108 4.07 10.92 -21.10
CA ARG B 108 5.31 10.29 -20.66
C ARG B 108 5.10 9.03 -19.80
N TYR B 109 3.95 8.97 -19.09
CA TYR B 109 3.81 7.77 -18.31
C TYR B 109 2.63 6.90 -18.67
N ASP B 110 1.64 7.52 -19.29
CA ASP B 110 0.27 6.97 -19.47
C ASP B 110 -0.38 6.85 -18.12
N LEU B 111 -1.48 6.17 -17.95
CA LEU B 111 -2.31 6.23 -16.75
C LEU B 111 -1.45 6.21 -15.51
N HIS B 112 -0.20 5.80 -15.62
CA HIS B 112 0.66 5.65 -14.45
C HIS B 112 0.98 7.02 -13.85
N ALA B 113 0.72 8.06 -14.64
CA ALA B 113 0.96 9.42 -14.21
C ALA B 113 0.26 9.78 -12.92
N PHE B 114 -0.88 9.17 -12.66
CA PHE B 114 -1.65 9.49 -11.46
C PHE B 114 -1.07 8.96 -10.16
N ARG B 115 0.00 8.18 -10.27
CA ARG B 115 0.70 7.61 -9.12
C ARG B 115 1.69 8.67 -8.64
N LEU B 116 1.94 9.65 -9.49
CA LEU B 116 2.91 10.71 -9.17
C LEU B 116 2.28 11.98 -8.62
N VAL B 117 1.02 12.20 -8.95
CA VAL B 117 0.36 13.41 -8.53
C VAL B 117 -0.20 13.48 -7.13
N ASN B 118 0.27 14.49 -6.41
CA ASN B 118 -0.19 14.78 -5.06
C ASN B 118 -0.95 16.10 -5.13
N GLY B 119 -2.28 15.99 -5.10
CA GLY B 119 -3.15 17.17 -5.17
C GLY B 119 -4.58 16.93 -4.70
N ARG B 120 -5.47 17.86 -5.06
CA ARG B 120 -6.89 17.82 -4.72
C ARG B 120 -7.51 18.07 -6.07
N PHE B 121 -7.89 16.98 -6.74
CA PHE B 121 -8.41 17.09 -8.09
C PHE B 121 -9.25 15.87 -8.50
N ALA B 122 -9.98 16.03 -9.59
CA ALA B 122 -10.79 14.99 -10.21
C ALA B 122 -10.62 15.40 -11.67
N THR B 123 -10.25 14.45 -12.53
CA THR B 123 -10.04 14.77 -13.94
C THR B 123 -10.67 13.80 -14.93
N VAL B 124 -10.79 14.24 -16.19
CA VAL B 124 -11.35 13.41 -17.26
C VAL B 124 -10.63 13.74 -18.54
N VAL B 125 -10.12 12.72 -19.21
CA VAL B 125 -9.42 12.93 -20.46
C VAL B 125 -9.88 11.96 -21.53
N ARG B 126 -10.16 12.47 -22.73
CA ARG B 126 -10.58 11.63 -23.83
C ARG B 126 -9.48 11.59 -24.90
N THR B 127 -9.17 10.39 -25.38
CA THR B 127 -8.16 10.22 -26.42
C THR B 127 -8.80 9.36 -27.50
N GLY B 128 -9.49 10.00 -28.44
CA GLY B 128 -10.14 9.26 -29.50
C GLY B 128 -11.33 8.50 -28.93
N ASP B 129 -11.24 7.17 -28.94
CA ASP B 129 -12.33 6.37 -28.39
C ASP B 129 -11.97 5.87 -27.00
N ARG B 130 -10.93 6.44 -26.43
CA ARG B 130 -10.47 6.07 -25.09
C ARG B 130 -10.81 7.17 -24.09
N VAL B 131 -11.34 6.80 -22.93
CA VAL B 131 -11.67 7.78 -21.91
C VAL B 131 -11.12 7.40 -20.53
N LEU B 132 -10.44 8.35 -19.88
CA LEU B 132 -9.87 8.11 -18.55
C LEU B 132 -10.49 9.03 -17.51
N LEU B 133 -10.73 8.45 -16.35
CA LEU B 133 -11.29 9.17 -15.21
C LEU B 133 -10.33 8.93 -14.05
N ALA B 134 -9.80 9.97 -13.43
CA ALA B 134 -8.87 9.78 -12.31
C ALA B 134 -9.17 10.68 -11.11
N THR B 135 -8.98 10.14 -9.89
CA THR B 135 -9.18 10.91 -8.65
C THR B 135 -7.84 11.05 -7.94
N ASP B 136 -7.78 11.87 -6.89
CA ASP B 136 -6.52 12.01 -6.17
C ASP B 136 -6.37 10.85 -5.18
N HIS B 137 -5.20 10.74 -4.55
CA HIS B 137 -4.95 9.62 -3.65
C HIS B 137 -6.08 9.29 -2.68
N ALA B 138 -6.74 10.32 -2.19
CA ALA B 138 -7.82 10.11 -1.24
C ALA B 138 -9.18 10.41 -1.86
N GLY B 139 -9.21 10.66 -3.16
CA GLY B 139 -10.46 10.97 -3.82
C GLY B 139 -11.20 12.10 -3.11
N SER B 140 -10.45 13.13 -2.69
CA SER B 140 -11.01 14.28 -1.96
C SER B 140 -11.99 15.12 -2.78
N VAL B 141 -12.00 14.87 -4.08
CA VAL B 141 -12.88 15.60 -4.98
C VAL B 141 -13.75 14.56 -5.66
N PRO B 142 -14.94 14.34 -5.13
CA PRO B 142 -15.86 13.35 -5.71
C PRO B 142 -15.91 13.39 -7.23
N LEU B 143 -15.96 12.20 -7.84
CA LEU B 143 -16.05 12.07 -9.29
C LEU B 143 -17.03 10.93 -9.51
N TYR B 144 -18.10 11.21 -10.23
CA TYR B 144 -19.13 10.20 -10.50
C TYR B 144 -19.23 9.98 -12.01
N THR B 145 -19.79 8.85 -12.41
CA THR B 145 -19.95 8.57 -13.83
C THR B 145 -21.09 7.62 -14.20
N CYS B 146 -21.47 7.69 -15.48
CA CYS B 146 -22.49 6.87 -16.10
C CYS B 146 -21.88 6.37 -17.41
N VAL B 147 -21.58 5.08 -17.45
CA VAL B 147 -20.94 4.45 -18.61
C VAL B 147 -21.79 3.38 -19.29
N ALA B 148 -21.83 3.42 -20.62
CA ALA B 148 -22.57 2.47 -21.42
C ALA B 148 -21.94 2.43 -22.81
N PRO B 149 -22.08 1.31 -23.53
CA PRO B 149 -21.51 1.18 -24.88
C PRO B 149 -21.87 2.41 -25.69
N GLY B 150 -20.86 3.15 -26.13
CA GLY B 150 -21.13 4.34 -26.92
C GLY B 150 -21.18 5.70 -26.23
N GLU B 151 -21.38 5.74 -24.92
CA GLU B 151 -21.43 7.02 -24.19
C GLU B 151 -20.90 6.97 -22.76
N VAL B 152 -20.07 7.94 -22.44
CA VAL B 152 -19.49 8.06 -21.11
C VAL B 152 -19.88 9.42 -20.58
N ARG B 153 -20.43 9.43 -19.36
CA ARG B 153 -20.86 10.66 -18.73
C ARG B 153 -20.10 10.73 -17.41
N ALA B 154 -19.48 11.88 -17.15
CA ALA B 154 -18.72 12.03 -15.92
C ALA B 154 -18.98 13.40 -15.31
N SER B 155 -19.13 13.45 -13.98
CA SER B 155 -19.38 14.70 -13.28
C SER B 155 -18.83 14.70 -11.86
N THR B 156 -18.57 15.89 -11.34
CA THR B 156 -18.05 16.02 -9.98
C THR B 156 -19.18 16.09 -8.95
N GLU B 157 -20.40 15.84 -9.41
CA GLU B 157 -21.58 15.80 -8.56
C GLU B 157 -22.54 14.76 -9.09
N ALA B 158 -23.04 13.89 -8.22
CA ALA B 158 -23.96 12.85 -8.64
C ALA B 158 -25.28 13.46 -9.11
N LYS B 159 -25.72 14.49 -8.40
CA LYS B 159 -26.98 15.16 -8.74
C LYS B 159 -27.09 15.58 -10.20
N ALA B 160 -26.00 16.12 -10.75
CA ALA B 160 -26.01 16.57 -12.14
C ALA B 160 -26.16 15.41 -13.13
N LEU B 161 -25.85 14.20 -12.68
CA LEU B 161 -25.97 13.00 -13.53
C LEU B 161 -27.36 12.41 -13.40
N ALA B 162 -27.84 12.33 -12.16
CA ALA B 162 -29.17 11.78 -11.89
C ALA B 162 -30.28 12.71 -12.38
N ALA B 163 -29.93 13.96 -12.69
CA ALA B 163 -30.92 14.93 -13.17
C ALA B 163 -31.45 14.57 -14.55
N HIS B 164 -31.13 13.37 -15.03
CA HIS B 164 -31.57 12.91 -16.35
C HIS B 164 -32.63 11.82 -16.23
N ARG B 165 -33.15 11.36 -17.37
CA ARG B 165 -34.15 10.31 -17.41
C ARG B 165 -33.43 9.00 -17.70
N ASP B 166 -33.76 7.96 -16.93
CA ASP B 166 -33.14 6.65 -17.11
C ASP B 166 -31.64 6.78 -17.34
N PRO B 167 -30.90 7.35 -16.37
CA PRO B 167 -29.44 7.51 -16.51
C PRO B 167 -28.75 6.21 -16.98
N LYS B 168 -28.06 6.30 -18.11
CA LYS B 168 -27.34 5.16 -18.67
C LYS B 168 -26.04 4.91 -17.90
N GLY B 169 -26.03 3.89 -17.05
CA GLY B 169 -24.87 3.57 -16.26
C GLY B 169 -25.01 2.19 -15.66
N PHE B 170 -23.99 1.37 -15.85
CA PHE B 170 -24.03 -0.02 -15.41
C PHE B 170 -22.70 -0.36 -14.69
N PRO B 171 -22.94 -1.56 -13.94
CA PRO B 171 -21.71 -1.95 -13.15
C PRO B 171 -20.41 -1.73 -13.94
N LEU B 172 -19.34 -1.52 -13.15
CA LEU B 172 -18.00 -1.14 -13.53
C LEU B 172 -16.94 -1.70 -12.58
N ALA B 173 -15.75 -1.99 -13.10
CA ALA B 173 -14.68 -2.56 -12.29
C ALA B 173 -14.31 -1.66 -11.14
N ASP B 174 -14.48 -2.21 -9.94
CA ASP B 174 -14.16 -1.50 -8.70
C ASP B 174 -14.98 -0.23 -8.44
N ALA B 175 -15.94 0.03 -9.32
CA ALA B 175 -16.80 1.20 -9.18
C ALA B 175 -18.03 0.81 -8.36
N ARG B 176 -18.43 1.67 -7.44
CA ARG B 176 -19.60 1.42 -6.58
C ARG B 176 -20.81 2.27 -6.94
N ARG B 177 -21.98 1.65 -6.97
CA ARG B 177 -23.23 2.35 -7.27
C ARG B 177 -23.59 3.24 -6.10
N VAL B 178 -23.90 4.51 -6.39
CA VAL B 178 -24.24 5.47 -5.37
C VAL B 178 -25.57 5.06 -4.74
N ALA B 179 -25.53 4.86 -3.44
CA ALA B 179 -26.71 4.46 -2.71
C ALA B 179 -27.75 5.56 -2.79
N GLY B 180 -28.91 5.21 -3.33
CA GLY B 180 -30.00 6.16 -3.47
C GLY B 180 -30.37 6.51 -4.90
N LEU B 181 -29.45 6.30 -5.83
CA LEU B 181 -29.68 6.60 -7.23
C LEU B 181 -29.55 5.33 -8.06
N THR B 182 -29.83 5.42 -9.36
CA THR B 182 -29.70 4.26 -10.24
C THR B 182 -28.95 4.68 -11.52
N GLY B 183 -27.98 3.88 -11.93
CA GLY B 183 -27.23 4.20 -13.13
C GLY B 183 -26.11 5.20 -12.93
N VAL B 184 -25.68 5.37 -11.68
CA VAL B 184 -24.60 6.30 -11.39
C VAL B 184 -23.61 5.67 -10.41
N TYR B 185 -22.36 5.58 -10.82
CA TYR B 185 -21.34 4.99 -9.97
C TYR B 185 -20.30 6.02 -9.54
N GLN B 186 -19.58 5.71 -8.47
CA GLN B 186 -18.59 6.63 -7.96
C GLN B 186 -17.17 6.10 -8.10
N VAL B 187 -16.35 6.80 -8.85
CA VAL B 187 -14.96 6.40 -9.06
C VAL B 187 -14.26 6.31 -7.70
N PRO B 188 -13.48 5.22 -7.48
CA PRO B 188 -12.74 5.00 -6.23
C PRO B 188 -11.72 6.09 -5.99
N ALA B 189 -11.26 6.19 -4.74
CA ALA B 189 -10.24 7.19 -4.40
C ALA B 189 -8.94 6.61 -4.95
N GLY B 190 -7.99 7.50 -5.23
CA GLY B 190 -6.71 7.06 -5.75
C GLY B 190 -6.82 5.94 -6.77
N ALA B 191 -7.38 6.24 -7.93
CA ALA B 191 -7.53 5.23 -8.96
C ALA B 191 -7.75 5.89 -10.31
N VAL B 192 -7.57 5.12 -11.37
CA VAL B 192 -7.78 5.64 -12.71
C VAL B 192 -8.58 4.64 -13.54
N MET B 193 -9.64 5.08 -14.18
CA MET B 193 -10.42 4.18 -15.01
C MET B 193 -10.08 4.36 -16.49
N ASP B 194 -9.71 3.24 -17.13
CA ASP B 194 -9.36 3.21 -18.54
C ASP B 194 -10.61 2.68 -19.22
N ILE B 195 -11.42 3.59 -19.78
CA ILE B 195 -12.66 3.18 -20.40
C ILE B 195 -12.60 3.07 -21.92
N ASP B 196 -13.18 1.99 -22.45
CA ASP B 196 -13.23 1.81 -23.91
C ASP B 196 -14.59 2.40 -24.27
N LEU B 197 -14.60 3.51 -24.97
CA LEU B 197 -15.86 4.17 -25.32
C LEU B 197 -16.86 3.25 -26.04
N GLY B 198 -16.40 2.51 -27.05
CA GLY B 198 -17.29 1.64 -27.80
C GLY B 198 -17.94 0.49 -27.05
N SER B 199 -17.12 -0.31 -26.37
CA SER B 199 -17.59 -1.46 -25.62
C SER B 199 -18.29 -1.03 -24.33
N GLY B 200 -17.81 0.06 -23.75
CA GLY B 200 -18.40 0.54 -22.51
C GLY B 200 -17.84 -0.22 -21.32
N THR B 201 -16.76 -0.97 -21.53
CA THR B 201 -16.15 -1.72 -20.44
C THR B 201 -14.96 -0.95 -19.91
N ALA B 202 -14.52 -1.31 -18.71
CA ALA B 202 -13.42 -0.59 -18.12
C ALA B 202 -12.48 -1.45 -17.31
N VAL B 203 -11.32 -0.89 -17.04
CA VAL B 203 -10.32 -1.53 -16.23
C VAL B 203 -9.82 -0.45 -15.29
N THR B 204 -9.93 -0.72 -14.01
CA THR B 204 -9.53 0.23 -13.00
C THR B 204 -8.17 -0.09 -12.39
N HIS B 205 -7.37 0.94 -12.18
CA HIS B 205 -6.04 0.78 -11.59
C HIS B 205 -5.97 1.63 -10.30
N ARG B 206 -5.57 1.03 -9.19
CA ARG B 206 -5.46 1.81 -7.97
C ARG B 206 -4.08 2.47 -8.06
N THR B 207 -4.02 3.74 -7.69
CA THR B 207 -2.79 4.54 -7.75
C THR B 207 -2.29 4.90 -6.35
N TRP B 208 -2.99 4.44 -5.33
CA TRP B 208 -2.60 4.70 -3.95
C TRP B 208 -3.48 3.92 -3.00
N THR B 209 -2.85 3.32 -2.00
CA THR B 209 -3.57 2.57 -1.01
C THR B 209 -2.90 2.82 0.34
N PRO B 210 -3.71 2.94 1.40
CA PRO B 210 -3.16 3.19 2.73
C PRO B 210 -2.09 2.15 3.02
N GLY B 211 -0.97 2.56 3.60
CA GLY B 211 0.06 1.60 3.92
C GLY B 211 -0.41 0.71 5.06
N LEU B 212 0.00 -0.54 5.09
CA LEU B 212 -0.40 -1.46 6.14
C LEU B 212 0.75 -1.79 7.11
N SER B 213 1.97 -1.38 6.76
CA SER B 213 3.12 -1.59 7.62
C SER B 213 3.43 -0.30 8.38
N ARG B 214 3.93 -0.43 9.61
CA ARG B 214 4.28 0.74 10.42
C ARG B 214 5.80 0.95 10.38
N ARG B 215 6.21 2.22 10.43
CA ARG B 215 7.62 2.60 10.40
C ARG B 215 8.08 3.08 11.78
N ILE B 216 9.16 2.49 12.26
CA ILE B 216 9.69 2.89 13.56
C ILE B 216 10.77 3.92 13.28
N LEU B 217 10.62 5.11 13.84
CA LEU B 217 11.61 6.16 13.63
C LEU B 217 12.03 6.74 14.96
N PRO B 218 13.30 7.18 15.04
CA PRO B 218 13.72 7.75 16.33
C PRO B 218 12.76 8.89 16.65
N GLU B 219 12.09 8.78 17.80
CA GLU B 219 11.09 9.75 18.26
C GLU B 219 11.36 11.23 17.99
N GLY B 220 12.62 11.64 18.01
CA GLY B 220 12.94 13.03 17.74
C GLY B 220 12.73 13.36 16.29
N GLU B 221 13.29 12.53 15.41
CA GLU B 221 13.16 12.73 13.97
C GLU B 221 11.73 12.50 13.48
N ALA B 222 10.99 11.64 14.17
CA ALA B 222 9.61 11.36 13.79
C ALA B 222 8.79 12.60 14.00
N VAL B 223 8.95 13.19 15.18
CA VAL B 223 8.25 14.40 15.55
C VAL B 223 8.60 15.53 14.60
N ALA B 224 9.88 15.64 14.28
CA ALA B 224 10.34 16.70 13.39
C ALA B 224 9.81 16.47 11.98
N ALA B 225 9.81 15.22 11.53
CA ALA B 225 9.34 14.89 10.19
C ALA B 225 7.88 15.31 10.02
N VAL B 226 7.06 15.10 11.05
CA VAL B 226 5.65 15.49 10.97
C VAL B 226 5.50 16.99 10.71
N ARG B 227 6.25 17.80 11.46
CA ARG B 227 6.22 19.26 11.33
C ARG B 227 6.65 19.72 9.94
N ALA B 228 7.76 19.16 9.47
CA ALA B 228 8.29 19.50 8.16
C ALA B 228 7.29 19.09 7.08
N ALA B 229 6.64 17.95 7.24
CA ALA B 229 5.67 17.49 6.25
C ALA B 229 4.45 18.40 6.28
N LEU B 230 3.86 18.58 7.44
CA LEU B 230 2.70 19.47 7.54
C LEU B 230 3.02 20.88 7.04
N GLU B 231 4.20 21.39 7.42
CA GLU B 231 4.67 22.73 7.06
C GLU B 231 4.76 22.84 5.52
N LYS B 232 5.18 21.75 4.89
CA LYS B 232 5.30 21.73 3.43
C LYS B 232 3.90 21.72 2.81
N ALA B 233 3.06 20.77 3.23
CA ALA B 233 1.69 20.64 2.72
C ALA B 233 0.92 21.98 2.70
N VAL B 234 1.05 22.73 3.80
CA VAL B 234 0.41 24.04 3.95
C VAL B 234 0.92 25.07 2.95
N ALA B 235 2.26 25.19 2.85
CA ALA B 235 2.89 26.15 1.95
C ALA B 235 2.43 25.92 0.51
N GLN B 236 2.34 24.64 0.13
CA GLN B 236 1.92 24.26 -1.21
C GLN B 236 0.48 24.65 -1.48
N ARG B 237 -0.29 24.83 -0.40
CA ARG B 237 -1.69 25.17 -0.49
C ARG B 237 -1.98 26.66 -0.33
N VAL B 238 -0.94 27.44 -0.04
CA VAL B 238 -1.10 28.89 0.09
C VAL B 238 -0.65 29.59 -1.18
N THR B 239 -1.41 30.60 -1.58
CA THR B 239 -1.16 31.38 -2.77
C THR B 239 -0.35 32.63 -2.45
N PRO B 240 0.83 32.75 -3.05
CA PRO B 240 1.69 33.91 -2.82
C PRO B 240 0.97 35.20 -3.20
N GLY B 241 0.92 36.14 -2.27
CA GLY B 241 0.25 37.41 -2.50
C GLY B 241 -1.19 37.39 -2.00
N ASP B 242 -1.56 36.30 -1.34
CA ASP B 242 -2.91 36.12 -0.82
C ASP B 242 -2.86 35.46 0.57
N THR B 243 -3.44 36.15 1.55
CA THR B 243 -3.50 35.65 2.91
C THR B 243 -4.64 34.68 2.96
N PRO B 244 -4.34 33.43 3.32
CA PRO B 244 -5.35 32.38 3.40
C PRO B 244 -6.24 32.53 4.62
N LEU B 245 -7.34 31.77 4.63
CA LEU B 245 -8.27 31.79 5.75
C LEU B 245 -8.25 30.41 6.37
N VAL B 246 -8.10 30.33 7.68
CA VAL B 246 -8.10 29.02 8.31
C VAL B 246 -9.30 28.88 9.26
N VAL B 247 -10.07 27.81 9.10
CA VAL B 247 -11.18 27.60 10.03
C VAL B 247 -10.55 27.04 11.28
N LEU B 248 -10.49 27.86 12.33
CA LEU B 248 -9.85 27.47 13.59
C LEU B 248 -10.84 27.08 14.68
N SER B 249 -10.47 26.09 15.49
CA SER B 249 -11.35 25.65 16.57
C SER B 249 -10.61 25.59 17.90
N GLY B 250 -9.38 26.07 17.94
CA GLY B 250 -8.64 26.02 19.18
C GLY B 250 -8.00 24.65 19.43
N GLY B 251 -8.56 23.61 18.82
CA GLY B 251 -8.00 22.28 18.98
C GLY B 251 -6.63 22.26 18.32
N ILE B 252 -5.84 21.22 18.60
CA ILE B 252 -4.49 21.12 18.05
C ILE B 252 -4.42 21.06 16.52
N ASP B 253 -5.27 20.25 15.92
CA ASP B 253 -5.30 20.08 14.45
C ASP B 253 -5.36 21.39 13.66
N SER B 254 -6.43 22.17 13.84
CA SER B 254 -6.57 23.42 13.13
C SER B 254 -5.59 24.48 13.62
N SER B 255 -5.16 24.37 14.88
CA SER B 255 -4.22 25.32 15.44
C SER B 255 -2.89 25.14 14.73
N GLY B 256 -2.52 23.87 14.49
CA GLY B 256 -1.28 23.55 13.80
C GLY B 256 -1.24 24.08 12.38
N VAL B 257 -2.36 24.01 11.68
CA VAL B 257 -2.45 24.50 10.31
C VAL B 257 -2.28 26.02 10.31
N ALA B 258 -2.95 26.69 11.25
CA ALA B 258 -2.84 28.14 11.35
C ALA B 258 -1.38 28.59 11.57
N ALA B 259 -0.72 27.96 12.53
CA ALA B 259 0.68 28.28 12.83
C ALA B 259 1.52 28.15 11.59
N CYS B 260 1.32 27.07 10.84
CA CYS B 260 2.07 26.82 9.61
C CYS B 260 1.65 27.82 8.55
N ALA B 261 0.34 28.04 8.43
CA ALA B 261 -0.19 28.97 7.44
C ALA B 261 0.35 30.36 7.67
N HIS B 262 0.38 30.79 8.92
CA HIS B 262 0.89 32.10 9.29
C HIS B 262 2.32 32.29 8.76
N ARG B 263 3.19 31.33 9.02
CA ARG B 263 4.58 31.40 8.57
C ARG B 263 4.62 31.49 7.04
N ALA B 264 3.74 30.74 6.38
CA ALA B 264 3.69 30.73 4.92
C ALA B 264 3.25 32.05 4.28
N ALA B 265 2.25 32.71 4.86
CA ALA B 265 1.75 33.96 4.32
C ALA B 265 2.39 35.21 4.91
N GLY B 266 2.89 35.10 6.14
CA GLY B 266 3.48 36.24 6.81
C GLY B 266 2.43 36.89 7.68
N GLU B 267 1.19 36.41 7.50
CA GLU B 267 0.01 36.89 8.24
C GLU B 267 -1.12 35.86 8.05
N LEU B 268 -2.24 36.01 8.75
CA LEU B 268 -3.32 35.03 8.61
C LEU B 268 -4.69 35.51 9.04
N ASP B 269 -5.72 34.92 8.44
CA ASP B 269 -7.10 35.23 8.78
C ASP B 269 -7.64 33.97 9.40
N THR B 270 -8.53 34.12 10.37
CA THR B 270 -9.11 32.95 11.01
C THR B 270 -10.56 33.26 11.35
N VAL B 271 -11.36 32.21 11.45
CA VAL B 271 -12.76 32.35 11.77
C VAL B 271 -13.23 31.15 12.56
N SER B 272 -13.97 31.40 13.63
CA SER B 272 -14.49 30.32 14.46
C SER B 272 -16.02 30.38 14.46
N MET B 273 -16.65 29.22 14.53
CA MET B 273 -18.09 29.17 14.53
C MET B 273 -18.60 28.49 15.79
N GLY B 274 -19.75 28.94 16.26
CA GLY B 274 -20.35 28.37 17.45
C GLY B 274 -21.81 28.70 17.48
N THR B 275 -22.59 27.84 18.14
CA THR B 275 -24.02 28.07 18.26
C THR B 275 -24.27 28.76 19.59
N ASP B 276 -25.54 28.81 19.98
CA ASP B 276 -25.95 29.42 21.23
C ASP B 276 -25.61 28.55 22.43
N THR B 277 -25.72 27.24 22.25
CA THR B 277 -25.42 26.32 23.34
C THR B 277 -23.92 26.29 23.60
N SER B 278 -23.16 25.62 22.72
CA SER B 278 -21.72 25.53 22.92
C SER B 278 -20.89 26.29 21.90
N ASN B 279 -19.62 26.48 22.25
CA ASN B 279 -18.67 27.16 21.39
C ASN B 279 -17.27 27.00 21.95
N GLU B 280 -16.26 27.18 21.10
CA GLU B 280 -14.87 27.04 21.52
C GLU B 280 -14.11 28.33 21.25
N PHE B 281 -14.79 29.46 21.42
CA PHE B 281 -14.18 30.77 21.18
C PHE B 281 -13.01 31.09 22.08
N ARG B 282 -13.18 30.89 23.38
CA ARG B 282 -12.10 31.17 24.32
C ARG B 282 -10.84 30.41 23.91
N GLU B 283 -11.01 29.13 23.58
CA GLU B 283 -9.91 28.27 23.16
C GLU B 283 -9.19 28.82 21.92
N ALA B 284 -9.95 29.08 20.87
CA ALA B 284 -9.41 29.60 19.61
C ALA B 284 -8.70 30.94 19.82
N ARG B 285 -9.24 31.73 20.74
CA ARG B 285 -8.71 33.04 21.06
C ARG B 285 -7.23 32.98 21.42
N ALA B 286 -6.86 31.93 22.16
CA ALA B 286 -5.47 31.73 22.59
C ALA B 286 -4.54 31.62 21.40
N VAL B 287 -5.01 30.97 20.33
CA VAL B 287 -4.23 30.79 19.11
C VAL B 287 -4.24 32.12 18.39
N VAL B 288 -5.39 32.76 18.39
CA VAL B 288 -5.51 34.05 17.73
C VAL B 288 -4.52 35.04 18.35
N ASP B 289 -4.53 35.15 19.68
CA ASP B 289 -3.62 36.05 20.40
C ASP B 289 -2.15 35.69 20.18
N HIS B 290 -1.85 34.40 20.18
CA HIS B 290 -0.47 33.91 19.99
C HIS B 290 0.03 34.19 18.59
N LEU B 291 -0.81 33.93 17.60
CA LEU B 291 -0.41 34.15 16.22
C LEU B 291 -0.71 35.56 15.73
N ARG B 292 -1.51 36.28 16.49
CA ARG B 292 -1.89 37.65 16.13
C ARG B 292 -2.56 37.56 14.76
N THR B 293 -3.66 36.81 14.67
CA THR B 293 -4.39 36.67 13.40
C THR B 293 -5.55 37.64 13.35
N ARG B 294 -6.18 37.74 12.18
CA ARG B 294 -7.32 38.60 12.00
C ARG B 294 -8.55 37.70 12.16
N HIS B 295 -8.91 37.43 13.42
CA HIS B 295 -10.03 36.53 13.74
C HIS B 295 -11.44 37.09 13.59
N ARG B 296 -12.41 36.19 13.52
CA ARG B 296 -13.81 36.56 13.43
C ARG B 296 -14.61 35.47 14.10
N GLU B 297 -15.64 35.85 14.85
CA GLU B 297 -16.47 34.88 15.54
C GLU B 297 -17.89 34.90 15.02
N ILE B 298 -18.35 33.73 14.56
CA ILE B 298 -19.69 33.60 14.02
C ILE B 298 -20.56 32.74 14.91
N THR B 299 -21.74 33.26 15.23
CA THR B 299 -22.67 32.55 16.09
C THR B 299 -23.98 32.35 15.38
N ILE B 300 -24.29 31.09 15.11
CA ILE B 300 -25.52 30.74 14.42
C ILE B 300 -26.37 29.87 15.33
N PRO B 301 -27.55 30.36 15.71
CA PRO B 301 -28.48 29.63 16.58
C PRO B 301 -28.61 28.20 16.12
N THR B 302 -28.85 27.30 17.07
CA THR B 302 -29.00 25.89 16.80
C THR B 302 -30.04 25.64 15.72
N THR B 303 -31.24 26.19 15.90
CA THR B 303 -32.30 25.99 14.93
C THR B 303 -31.82 26.37 13.54
N GLU B 304 -31.05 27.46 13.45
CA GLU B 304 -30.55 27.91 12.16
C GLU B 304 -29.43 26.98 11.65
N LEU B 305 -28.76 26.28 12.56
CA LEU B 305 -27.71 25.37 12.16
C LEU B 305 -28.31 24.05 11.67
N LEU B 306 -29.31 23.54 12.38
CA LEU B 306 -29.95 22.29 12.00
C LEU B 306 -30.74 22.47 10.71
N ALA B 307 -31.22 23.68 10.49
CA ALA B 307 -32.00 23.99 9.30
C ALA B 307 -31.13 23.78 8.06
N GLN B 308 -29.82 23.73 8.28
CA GLN B 308 -28.85 23.53 7.21
C GLN B 308 -28.75 22.04 6.83
N LEU B 309 -29.46 21.17 7.54
CA LEU B 309 -29.42 19.74 7.29
C LEU B 309 -29.52 19.35 5.81
N PRO B 310 -30.55 19.85 5.11
CA PRO B 310 -30.69 19.49 3.69
C PRO B 310 -29.53 19.96 2.79
N TYR B 311 -28.92 21.09 3.15
CA TYR B 311 -27.79 21.63 2.38
C TYR B 311 -26.54 20.73 2.51
N ALA B 312 -26.29 20.22 3.71
CA ALA B 312 -25.13 19.36 3.93
C ALA B 312 -25.25 18.05 3.13
N VAL B 313 -26.46 17.49 3.06
CA VAL B 313 -26.68 16.26 2.30
C VAL B 313 -26.53 16.57 0.81
N TRP B 314 -27.01 17.76 0.42
CA TRP B 314 -26.96 18.25 -0.96
C TRP B 314 -25.53 18.45 -1.46
N ALA B 315 -24.68 19.05 -0.62
CA ALA B 315 -23.30 19.31 -1.00
C ALA B 315 -22.41 18.06 -0.96
N SER B 316 -22.50 17.27 0.12
CA SER B 316 -21.68 16.06 0.23
C SER B 316 -22.27 14.86 -0.50
N GLU B 317 -23.55 14.91 -0.82
CA GLU B 317 -24.18 13.80 -1.53
C GLU B 317 -24.02 12.47 -0.79
N SER B 318 -23.83 12.57 0.52
CA SER B 318 -23.65 11.40 1.36
C SER B 318 -24.90 11.10 2.18
N VAL B 319 -25.10 9.81 2.52
CA VAL B 319 -26.28 9.42 3.30
C VAL B 319 -25.94 8.88 4.67
N ASP B 320 -24.73 9.17 5.14
CA ASP B 320 -24.30 8.73 6.46
C ASP B 320 -24.50 9.87 7.46
N PRO B 321 -25.46 9.70 8.39
CA PRO B 321 -25.81 10.68 9.43
C PRO B 321 -24.64 11.10 10.32
N ASP B 322 -23.70 10.18 10.56
CA ASP B 322 -22.55 10.51 11.39
C ASP B 322 -21.65 11.54 10.71
N ILE B 323 -21.54 11.43 9.39
CA ILE B 323 -20.72 12.35 8.60
C ILE B 323 -21.51 13.64 8.36
N ILE B 324 -22.82 13.50 8.19
CA ILE B 324 -23.66 14.66 7.97
C ILE B 324 -23.55 15.58 9.18
N GLU B 325 -23.52 15.00 10.37
CA GLU B 325 -23.39 15.80 11.60
C GLU B 325 -22.04 16.50 11.64
N TYR B 326 -21.00 15.80 11.18
CA TYR B 326 -19.66 16.37 11.14
C TYR B 326 -19.65 17.58 10.21
N LEU B 327 -20.28 17.43 9.06
CA LEU B 327 -20.30 18.47 8.04
C LEU B 327 -21.23 19.65 8.27
N LEU B 328 -22.39 19.39 8.87
CA LEU B 328 -23.36 20.44 9.15
C LEU B 328 -22.74 21.76 9.64
N PRO B 329 -22.02 21.72 10.78
CA PRO B 329 -21.39 22.92 11.33
C PRO B 329 -20.52 23.63 10.30
N LEU B 330 -19.77 22.83 9.55
CA LEU B 330 -18.87 23.34 8.53
C LEU B 330 -19.61 24.04 7.42
N THR B 331 -20.64 23.39 6.88
CA THR B 331 -21.40 24.00 5.78
C THR B 331 -22.08 25.26 6.26
N ALA B 332 -22.36 25.31 7.56
CA ALA B 332 -23.00 26.48 8.16
C ALA B 332 -21.99 27.62 8.28
N LEU B 333 -20.73 27.29 8.55
CA LEU B 333 -19.72 28.33 8.65
C LEU B 333 -19.44 28.90 7.26
N TYR B 334 -19.18 28.01 6.32
CA TYR B 334 -18.91 28.43 4.93
C TYR B 334 -20.01 29.34 4.40
N ARG B 335 -21.26 28.95 4.63
CA ARG B 335 -22.40 29.74 4.15
C ARG B 335 -22.65 31.00 4.95
N ALA B 336 -21.81 31.27 5.94
CA ALA B 336 -22.04 32.46 6.74
C ALA B 336 -21.00 33.54 6.50
N LEU B 337 -19.95 33.24 5.74
CA LEU B 337 -18.89 34.24 5.46
C LEU B 337 -19.48 35.38 4.62
N ASP B 338 -18.91 36.58 4.74
CA ASP B 338 -19.44 37.71 4.00
C ASP B 338 -18.55 38.30 2.92
N GLY B 339 -17.26 38.42 3.22
CA GLY B 339 -16.35 39.00 2.26
C GLY B 339 -16.30 38.33 0.89
N PRO B 340 -15.17 38.48 0.19
CA PRO B 340 -15.00 37.88 -1.13
C PRO B 340 -14.66 36.40 -0.99
N GLU B 341 -14.83 35.65 -2.08
CA GLU B 341 -14.52 34.23 -2.06
C GLU B 341 -13.11 33.99 -1.51
N ARG B 342 -12.98 33.04 -0.60
CA ARG B 342 -11.68 32.77 0.01
C ARG B 342 -11.02 31.41 -0.29
N ARG B 343 -9.72 31.33 0.03
CA ARG B 343 -8.97 30.09 -0.10
C ARG B 343 -8.86 29.67 1.36
N ILE B 344 -9.58 28.61 1.71
CA ILE B 344 -9.64 28.11 3.07
C ILE B 344 -8.81 26.85 3.32
N LEU B 345 -8.09 26.84 4.43
CA LEU B 345 -7.31 25.68 4.82
C LEU B 345 -7.94 25.17 6.14
N THR B 346 -8.10 23.85 6.26
CA THR B 346 -8.71 23.29 7.46
C THR B 346 -7.80 22.27 8.14
N GLY B 347 -8.19 21.84 9.34
CA GLY B 347 -7.40 20.87 10.05
C GLY B 347 -8.19 19.56 10.08
N TYR B 348 -8.98 19.33 9.05
CA TYR B 348 -9.80 18.12 8.96
C TYR B 348 -9.02 16.88 8.57
N GLY B 349 -9.37 15.75 9.15
CA GLY B 349 -8.70 14.51 8.82
C GLY B 349 -7.61 14.04 9.76
N ALA B 350 -6.87 14.96 10.35
CA ALA B 350 -5.79 14.61 11.28
C ALA B 350 -6.13 13.45 12.22
N ASP B 351 -7.39 13.36 12.62
CA ASP B 351 -7.84 12.31 13.54
C ASP B 351 -7.87 10.89 12.97
N ILE B 352 -8.17 10.75 11.68
CA ILE B 352 -8.26 9.43 11.08
C ILE B 352 -6.93 8.66 11.09
N PRO B 353 -5.86 9.24 10.51
CA PRO B 353 -4.58 8.53 10.53
C PRO B 353 -4.04 8.38 11.95
N LEU B 354 -4.58 9.14 12.90
CA LEU B 354 -4.13 9.05 14.28
C LEU B 354 -5.23 8.46 15.17
N GLY B 355 -5.05 8.55 16.48
CA GLY B 355 -6.07 8.02 17.36
C GLY B 355 -7.40 8.73 17.19
N GLY B 356 -7.33 10.04 16.96
CA GLY B 356 -8.54 10.82 16.80
C GLY B 356 -9.42 10.66 18.01
N MET B 357 -10.32 9.68 17.95
CA MET B 357 -11.21 9.41 19.06
C MET B 357 -10.95 8.02 19.66
N HIS B 358 -9.95 7.92 20.53
CA HIS B 358 -9.62 6.64 21.18
C HIS B 358 -9.77 6.73 22.70
N ARG B 359 -9.15 7.73 23.32
CA ARG B 359 -9.27 7.94 24.78
C ARG B 359 -8.55 6.91 25.68
N GLU B 360 -7.99 5.87 25.08
CA GLU B 360 -7.34 4.83 25.88
C GLU B 360 -5.88 4.60 25.54
N ASP B 361 -5.13 4.21 26.57
CA ASP B 361 -3.70 3.94 26.45
C ASP B 361 -3.37 2.58 25.85
N ARG B 362 -4.40 1.83 25.48
CA ARG B 362 -4.19 0.51 24.89
C ARG B 362 -3.94 0.66 23.39
N LEU B 363 -2.68 0.45 23.01
CA LEU B 363 -2.26 0.58 21.63
C LEU B 363 -2.97 -0.34 20.63
N PRO B 364 -3.13 -1.62 20.97
CA PRO B 364 -3.81 -2.51 20.02
C PRO B 364 -5.09 -1.95 19.39
N ALA B 365 -6.05 -1.52 20.20
CA ALA B 365 -7.32 -0.97 19.65
C ALA B 365 -7.06 0.23 18.73
N LEU B 366 -6.17 1.11 19.17
CA LEU B 366 -5.81 2.29 18.40
C LEU B 366 -5.48 1.88 16.97
N ASP B 367 -4.57 0.92 16.79
CA ASP B 367 -4.24 0.49 15.43
C ASP B 367 -5.45 -0.10 14.74
N THR B 368 -6.17 -0.99 15.43
CA THR B 368 -7.32 -1.64 14.83
C THR B 368 -8.30 -0.66 14.23
N VAL B 369 -8.73 0.31 15.04
CA VAL B 369 -9.69 1.31 14.60
C VAL B 369 -9.11 2.15 13.45
N LEU B 370 -7.95 2.76 13.70
CA LEU B 370 -7.29 3.61 12.71
C LEU B 370 -7.14 2.89 11.36
N ALA B 371 -6.64 1.67 11.39
CA ALA B 371 -6.47 0.90 10.15
C ALA B 371 -7.85 0.68 9.51
N HIS B 372 -8.86 0.42 10.35
CA HIS B 372 -10.22 0.22 9.83
C HIS B 372 -10.76 1.50 9.17
N ASP B 373 -10.47 2.67 9.76
CA ASP B 373 -10.96 3.92 9.18
C ASP B 373 -10.27 4.26 7.86
N MET B 374 -8.98 4.00 7.74
CA MET B 374 -8.28 4.31 6.50
C MET B 374 -8.76 3.43 5.35
N ALA B 375 -9.52 2.38 5.65
CA ALA B 375 -10.01 1.50 4.61
C ALA B 375 -11.50 1.67 4.36
N THR B 376 -12.10 2.63 5.05
CA THR B 376 -13.52 2.86 4.89
C THR B 376 -13.88 4.34 4.67
N PHE B 377 -12.90 5.18 4.40
CA PHE B 377 -13.17 6.61 4.19
C PHE B 377 -13.73 6.91 2.81
N ASP B 378 -13.46 6.03 1.85
CA ASP B 378 -13.91 6.25 0.48
C ASP B 378 -15.42 6.12 0.35
N GLY B 379 -16.06 7.22 -0.02
CA GLY B 379 -17.51 7.22 -0.17
C GLY B 379 -18.19 8.13 0.83
N LEU B 380 -17.46 8.49 1.89
CA LEU B 380 -18.05 9.39 2.88
C LEU B 380 -18.11 10.81 2.30
N ASN B 381 -17.19 11.14 1.41
CA ASN B 381 -17.19 12.47 0.80
C ASN B 381 -17.12 13.58 1.85
N GLU B 382 -16.60 13.24 3.01
CA GLU B 382 -16.51 14.24 4.07
C GLU B 382 -15.57 15.41 3.79
N MET B 383 -14.64 15.26 2.84
CA MET B 383 -13.73 16.37 2.54
C MET B 383 -13.91 16.95 1.12
N SER B 384 -15.11 16.78 0.56
CA SER B 384 -15.42 17.31 -0.76
C SER B 384 -15.34 18.83 -0.72
N PRO B 385 -14.99 19.47 -1.86
CA PRO B 385 -14.90 20.93 -1.91
C PRO B 385 -16.26 21.59 -1.99
N VAL B 386 -17.23 20.84 -2.53
CA VAL B 386 -18.59 21.35 -2.68
C VAL B 386 -19.14 21.90 -1.36
N LEU B 387 -18.73 21.32 -0.24
CA LEU B 387 -19.22 21.79 1.07
C LEU B 387 -18.95 23.30 1.24
N SER B 388 -17.84 23.78 0.67
CA SER B 388 -17.47 25.19 0.74
C SER B 388 -17.75 25.94 -0.57
N THR B 389 -17.64 25.23 -1.70
CA THR B 389 -17.89 25.89 -2.99
C THR B 389 -19.37 26.18 -3.19
N LEU B 390 -20.25 25.55 -2.39
CA LEU B 390 -21.69 25.84 -2.54
C LEU B 390 -21.91 27.31 -2.13
N ALA B 391 -20.91 27.84 -1.44
CA ALA B 391 -20.89 29.23 -0.96
C ALA B 391 -19.81 30.01 -1.70
N GLY B 392 -19.21 29.40 -2.73
CA GLY B 392 -18.19 30.06 -3.51
C GLY B 392 -16.77 29.97 -3.01
N HIS B 393 -16.58 29.36 -1.85
CA HIS B 393 -15.23 29.24 -1.28
C HIS B 393 -14.52 27.95 -1.64
N TRP B 394 -13.20 28.01 -1.70
CA TRP B 394 -12.42 26.80 -1.98
C TRP B 394 -11.84 26.30 -0.67
N THR B 395 -11.83 24.98 -0.49
CA THR B 395 -11.27 24.38 0.71
C THR B 395 -10.28 23.27 0.37
N THR B 396 -9.26 23.16 1.21
CA THR B 396 -8.20 22.18 1.08
C THR B 396 -7.78 21.74 2.50
N HIS B 397 -7.40 20.48 2.63
CA HIS B 397 -7.04 19.88 3.90
C HIS B 397 -5.63 19.31 3.91
N PRO B 398 -4.66 20.09 4.39
CA PRO B 398 -3.26 19.63 4.44
C PRO B 398 -3.00 18.33 5.19
N TYR B 399 -3.81 17.98 6.18
CA TYR B 399 -3.54 16.73 6.91
C TYR B 399 -3.73 15.51 6.02
N TRP B 400 -4.53 15.66 4.97
CA TRP B 400 -4.75 14.56 4.07
C TRP B 400 -3.98 14.71 2.75
N ASP B 401 -2.83 15.36 2.87
CA ASP B 401 -1.92 15.53 1.74
C ASP B 401 -1.28 14.14 1.67
N ARG B 402 -0.83 13.72 0.48
CA ARG B 402 -0.27 12.37 0.35
C ARG B 402 0.97 12.14 1.22
N GLU B 403 1.90 13.09 1.23
CA GLU B 403 3.11 12.93 2.03
C GLU B 403 2.77 12.89 3.51
N VAL B 404 2.01 13.87 3.98
CA VAL B 404 1.60 13.94 5.38
C VAL B 404 0.77 12.71 5.78
N LEU B 405 -0.18 12.36 4.92
CA LEU B 405 -1.03 11.22 5.19
C LEU B 405 -0.24 9.92 5.30
N ASP B 406 0.66 9.68 4.36
CA ASP B 406 1.49 8.47 4.38
C ASP B 406 2.31 8.42 5.66
N LEU B 407 2.91 9.56 6.01
CA LEU B 407 3.72 9.65 7.22
C LEU B 407 2.90 9.33 8.47
N LEU B 408 1.78 10.03 8.63
CA LEU B 408 0.96 9.78 9.81
C LEU B 408 0.53 8.33 9.96
N VAL B 409 -0.06 7.71 8.93
CA VAL B 409 -0.50 6.31 9.12
C VAL B 409 0.66 5.37 9.39
N SER B 410 1.78 5.63 8.74
CA SER B 410 2.97 4.81 8.94
C SER B 410 3.49 4.79 10.38
N LEU B 411 3.37 5.88 11.12
CA LEU B 411 3.90 5.91 12.50
C LEU B 411 3.34 4.80 13.41
N GLU B 412 4.20 4.21 14.24
CA GLU B 412 3.84 3.13 15.14
C GLU B 412 2.90 3.62 16.25
N ALA B 413 1.89 2.82 16.55
CA ALA B 413 0.89 3.18 17.55
C ALA B 413 1.40 3.96 18.76
N GLY B 414 2.51 3.51 19.34
CA GLY B 414 3.04 4.18 20.52
C GLY B 414 3.49 5.61 20.30
N LEU B 415 3.42 6.07 19.07
CA LEU B 415 3.84 7.44 18.76
C LEU B 415 2.59 8.32 18.76
N LYS B 416 1.43 7.67 18.70
CA LYS B 416 0.14 8.37 18.66
C LYS B 416 -0.52 8.47 20.02
N ARG B 417 -0.43 7.39 20.78
CA ARG B 417 -0.98 7.34 22.15
C ARG B 417 0.22 7.23 23.07
N ARG B 418 0.82 8.36 23.40
CA ARG B 418 1.98 8.36 24.27
C ARG B 418 1.86 9.42 25.37
N HIS B 419 2.42 9.11 26.53
CA HIS B 419 2.39 10.03 27.68
C HIS B 419 0.96 10.34 28.13
N GLY B 420 0.05 9.40 27.89
CA GLY B 420 -1.34 9.62 28.27
C GLY B 420 -2.07 10.64 27.42
N ARG B 421 -1.45 11.05 26.32
CA ARG B 421 -2.07 12.03 25.43
C ARG B 421 -2.40 11.41 24.09
N ASP B 422 -3.47 11.88 23.46
CA ASP B 422 -3.88 11.37 22.16
C ASP B 422 -3.08 12.13 21.13
N LYS B 423 -2.84 11.52 19.99
CA LYS B 423 -2.13 12.23 18.93
C LYS B 423 -0.84 12.92 19.43
N TRP B 424 -0.14 12.28 20.37
CA TRP B 424 1.06 12.89 20.94
C TRP B 424 2.03 13.44 19.90
N VAL B 425 2.34 12.64 18.88
CA VAL B 425 3.28 13.05 17.85
C VAL B 425 2.91 14.41 17.19
N LEU B 426 1.62 14.66 16.96
CA LEU B 426 1.21 15.93 16.33
C LEU B 426 1.31 17.09 17.32
N ARG B 427 0.90 16.83 18.56
CA ARG B 427 0.95 17.84 19.58
C ARG B 427 2.42 18.26 19.76
N ALA B 428 3.29 17.28 20.03
CA ALA B 428 4.73 17.54 20.20
C ALA B 428 5.33 18.32 19.03
N ALA B 429 4.96 17.92 17.82
CA ALA B 429 5.44 18.55 16.59
C ALA B 429 5.24 20.06 16.56
N MET B 430 4.13 20.50 17.14
CA MET B 430 3.80 21.92 17.17
C MET B 430 4.05 22.56 18.55
N ALA B 431 4.61 21.79 19.48
CA ALA B 431 4.83 22.30 20.84
C ALA B 431 5.63 23.60 20.98
N ASP B 432 6.24 24.07 19.89
CA ASP B 432 7.06 25.28 19.91
C ASP B 432 6.47 26.44 19.09
N ALA B 433 5.26 26.24 18.57
CA ALA B 433 4.62 27.27 17.77
C ALA B 433 3.27 27.65 18.34
N LEU B 434 2.83 26.92 19.36
CA LEU B 434 1.55 27.22 19.96
C LEU B 434 1.66 27.23 21.48
N PRO B 435 0.75 27.96 22.13
CA PRO B 435 0.82 27.99 23.60
C PRO B 435 0.58 26.58 24.18
N ALA B 436 1.23 26.28 25.30
CA ALA B 436 1.08 24.97 25.92
C ALA B 436 -0.39 24.57 26.06
N GLU B 437 -1.22 25.55 26.42
CA GLU B 437 -2.66 25.37 26.60
C GLU B 437 -3.32 24.70 25.41
N THR B 438 -2.89 25.07 24.21
CA THR B 438 -3.43 24.52 22.96
C THR B 438 -2.85 23.13 22.70
N VAL B 439 -1.53 23.02 22.70
CA VAL B 439 -0.89 21.75 22.43
C VAL B 439 -1.33 20.66 23.41
N ASN B 440 -2.04 21.03 24.47
CA ASN B 440 -2.51 20.04 25.45
C ASN B 440 -4.02 19.91 25.53
N ARG B 441 -4.72 20.65 24.68
CA ARG B 441 -6.17 20.61 24.67
C ARG B 441 -6.68 19.26 24.20
N PRO B 442 -7.26 18.49 25.11
CA PRO B 442 -7.77 17.19 24.69
C PRO B 442 -8.92 17.39 23.68
N LYS B 443 -8.97 16.42 22.79
CA LYS B 443 -10.00 16.26 21.77
C LYS B 443 -11.28 15.72 22.45
N LEU B 444 -12.36 15.64 21.72
CA LEU B 444 -13.65 15.26 22.24
C LEU B 444 -13.71 13.83 22.75
N THR B 453 -27.96 14.70 23.79
CA THR B 453 -26.57 15.09 23.39
C THR B 453 -26.55 16.09 22.23
N SER B 454 -25.99 15.68 21.09
CA SER B 454 -25.89 16.52 19.89
C SER B 454 -27.18 17.27 19.58
N SER B 455 -27.05 18.33 18.79
CA SER B 455 -28.20 19.15 18.40
C SER B 455 -29.11 18.28 17.53
N PHE B 456 -28.49 17.44 16.71
CA PHE B 456 -29.24 16.56 15.85
C PHE B 456 -30.04 15.57 16.70
N SER B 457 -29.36 14.89 17.65
CA SER B 457 -30.04 13.94 18.55
C SER B 457 -31.14 14.69 19.29
N ARG B 458 -30.75 15.83 19.85
CA ARG B 458 -31.64 16.71 20.59
C ARG B 458 -32.92 16.90 19.79
N LEU B 459 -32.79 17.40 18.56
CA LEU B 459 -33.95 17.65 17.72
C LEU B 459 -34.93 16.48 17.65
N LEU B 460 -34.42 15.27 17.50
CA LEU B 460 -35.28 14.09 17.46
C LEU B 460 -35.72 13.70 18.86
N LEU B 461 -34.76 13.66 19.77
CA LEU B 461 -34.99 13.30 21.15
C LEU B 461 -35.94 14.30 21.81
N ASP B 462 -36.08 15.47 21.19
CA ASP B 462 -36.98 16.54 21.66
C ASP B 462 -38.34 16.32 21.00
N HIS B 463 -38.32 15.87 19.75
CA HIS B 463 -39.54 15.60 18.99
C HIS B 463 -40.22 14.41 19.62
N GLY B 464 -39.43 13.58 20.30
CA GLY B 464 -39.98 12.41 20.95
C GLY B 464 -39.68 11.11 20.21
N VAL B 465 -38.46 10.62 20.37
CA VAL B 465 -38.04 9.37 19.74
C VAL B 465 -37.24 8.57 20.77
N ALA B 466 -37.46 7.26 20.82
CA ALA B 466 -36.76 6.38 21.76
C ALA B 466 -35.25 6.52 21.68
N GLU B 467 -34.61 6.63 22.85
CA GLU B 467 -33.15 6.75 22.90
C GLU B 467 -32.50 5.55 22.17
N ASP B 468 -33.21 4.44 22.09
CA ASP B 468 -32.67 3.25 21.42
C ASP B 468 -32.93 3.30 19.93
N ARG B 469 -33.76 4.23 19.49
CA ARG B 469 -34.11 4.35 18.08
C ARG B 469 -33.76 5.71 17.51
N VAL B 470 -32.82 6.39 18.15
CA VAL B 470 -32.42 7.72 17.70
C VAL B 470 -31.57 7.71 16.42
N HIS B 471 -30.47 6.96 16.45
CA HIS B 471 -29.58 6.88 15.30
C HIS B 471 -30.30 6.47 14.04
N GLU B 472 -31.23 5.55 14.16
CA GLU B 472 -31.97 5.10 13.00
C GLU B 472 -32.84 6.23 12.48
N ALA B 473 -33.38 7.03 13.39
CA ALA B 473 -34.23 8.16 13.02
C ALA B 473 -33.44 9.12 12.16
N LYS B 474 -32.14 9.17 12.43
CA LYS B 474 -31.25 10.05 11.69
C LYS B 474 -31.01 9.50 10.29
N ARG B 475 -30.64 8.22 10.20
CA ARG B 475 -30.40 7.59 8.91
C ARG B 475 -31.56 7.84 7.95
N GLN B 476 -32.78 7.69 8.46
CA GLN B 476 -33.97 7.89 7.62
C GLN B 476 -34.07 9.34 7.12
N VAL B 477 -33.87 10.28 8.05
CA VAL B 477 -33.92 11.70 7.73
C VAL B 477 -32.95 12.04 6.61
N VAL B 478 -31.68 11.72 6.82
CA VAL B 478 -30.63 11.99 5.86
C VAL B 478 -31.00 11.31 4.54
N ARG B 479 -31.55 10.10 4.65
CA ARG B 479 -31.97 9.33 3.48
C ARG B 479 -33.04 10.10 2.70
N GLU B 480 -34.05 10.58 3.43
CA GLU B 480 -35.17 11.33 2.85
C GLU B 480 -34.71 12.65 2.20
N LEU B 481 -33.82 13.38 2.88
CA LEU B 481 -33.28 14.63 2.37
C LEU B 481 -32.48 14.36 1.10
N PHE B 482 -31.90 13.17 1.03
CA PHE B 482 -31.12 12.76 -0.13
C PHE B 482 -32.06 12.57 -1.33
N ASP B 483 -33.02 11.66 -1.18
CA ASP B 483 -33.99 11.38 -2.25
C ASP B 483 -34.66 12.65 -2.74
N LEU B 484 -34.68 13.68 -1.91
CA LEU B 484 -35.31 14.94 -2.27
C LEU B 484 -34.43 15.91 -3.05
N THR B 485 -33.20 16.10 -2.57
CA THR B 485 -32.26 17.03 -3.17
C THR B 485 -31.39 16.43 -4.27
N VAL B 486 -30.74 15.31 -3.97
CA VAL B 486 -29.86 14.66 -4.94
C VAL B 486 -30.63 13.83 -5.96
N GLY B 487 -31.62 13.08 -5.49
CA GLY B 487 -32.41 12.25 -6.38
C GLY B 487 -33.61 12.97 -6.99
N GLY B 488 -34.32 13.75 -6.18
CA GLY B 488 -35.49 14.46 -6.67
C GLY B 488 -35.23 15.74 -7.45
N GLY B 489 -34.05 16.31 -7.32
CA GLY B 489 -33.72 17.53 -8.03
C GLY B 489 -34.09 18.79 -7.27
N ARG B 490 -34.97 18.65 -6.27
CA ARG B 490 -35.40 19.78 -5.44
C ARG B 490 -34.19 20.47 -4.78
N HIS B 491 -34.34 21.74 -4.47
CA HIS B 491 -33.26 22.51 -3.85
C HIS B 491 -33.46 22.61 -2.34
N PRO B 492 -32.36 22.62 -1.57
CA PRO B 492 -32.45 22.69 -0.10
C PRO B 492 -33.33 23.82 0.47
N SER B 493 -33.39 24.95 -0.24
CA SER B 493 -34.18 26.11 0.21
C SER B 493 -35.69 25.90 0.12
N GLU B 494 -36.11 24.69 -0.24
CA GLU B 494 -37.53 24.41 -0.35
C GLU B 494 -37.88 23.02 0.16
N VAL B 495 -37.15 22.59 1.19
CA VAL B 495 -37.35 21.28 1.82
C VAL B 495 -37.74 21.47 3.28
N ASP B 496 -39.03 21.26 3.57
CA ASP B 496 -39.55 21.40 4.92
C ASP B 496 -38.94 20.36 5.85
N THR B 497 -37.78 20.70 6.41
CA THR B 497 -37.07 19.82 7.30
C THR B 497 -37.96 19.34 8.44
N ASP B 498 -38.91 20.18 8.85
CA ASP B 498 -39.83 19.80 9.94
C ASP B 498 -40.74 18.69 9.46
N ASP B 499 -41.25 18.82 8.24
CA ASP B 499 -42.13 17.81 7.66
C ASP B 499 -41.38 16.47 7.63
N VAL B 500 -40.07 16.54 7.43
CA VAL B 500 -39.23 15.34 7.39
C VAL B 500 -39.10 14.73 8.78
N VAL B 501 -38.45 15.46 9.67
CA VAL B 501 -38.25 14.99 11.03
C VAL B 501 -39.56 14.53 11.68
N ARG B 502 -40.60 15.34 11.58
CA ARG B 502 -41.87 14.95 12.18
C ARG B 502 -42.33 13.60 11.60
N SER B 503 -42.14 13.41 10.29
CA SER B 503 -42.54 12.15 9.65
C SER B 503 -41.75 10.95 10.16
N VAL B 504 -40.44 10.95 9.91
CA VAL B 504 -39.62 9.85 10.38
C VAL B 504 -39.98 9.49 11.83
N ALA B 505 -40.25 10.51 12.64
CA ALA B 505 -40.61 10.28 14.04
C ALA B 505 -41.83 9.37 14.16
N ASP B 506 -42.88 9.69 13.40
CA ASP B 506 -44.13 8.93 13.41
C ASP B 506 -43.93 7.46 13.00
N ARG B 507 -42.95 7.21 12.14
CA ARG B 507 -42.64 5.85 11.71
C ARG B 507 -41.82 5.13 12.77
N THR B 508 -41.56 5.80 13.89
CA THR B 508 -40.79 5.22 14.98
C THR B 508 -41.67 5.09 16.23
MG MG C . 18.48 -9.95 -11.01
MG MG D . 21.57 -12.19 -13.74
P1 POP E . 22.21 -10.61 -11.37
O1 POP E . 23.42 -10.21 -10.53
O2 POP E . 20.94 -10.66 -10.61
O3 POP E . 22.53 -11.96 -12.05
O POP E . 22.03 -9.49 -12.52
P2 POP E . 20.96 -9.33 -13.67
O4 POP E . 21.17 -8.02 -14.27
O5 POP E . 21.15 -10.46 -14.62
O6 POP E . 19.63 -9.39 -12.94
PA IOT F . 18.96 -13.10 -12.10
O1A IOT F . 18.72 -11.60 -11.82
O2A IOT F . 19.97 -13.50 -13.20
O5' IOT F . 19.51 -14.12 -11.29
C5' IOT F . 19.35 -14.03 -9.82
C4' IOT F . 20.18 -13.96 -8.64
O4' IOT F . 20.69 -15.31 -8.58
C3' IOT F . 21.42 -13.01 -8.63
O3' IOT F . 21.39 -11.87 -7.90
C2' IOT F . 22.54 -13.99 -8.32
O2' IOT F . 22.94 -13.74 -6.93
C1' IOT F . 22.11 -15.40 -8.43
N9 IOT F . 22.71 -15.93 -9.60
C8 IOT F . 22.38 -15.73 -10.97
N7 IOT F . 23.13 -16.37 -11.85
C5 IOT F . 24.06 -17.05 -11.07
C6 IOT F . 25.19 -17.97 -11.43
N6 IOT F . 25.50 -18.27 -12.58
N1 IOT F . 25.90 -18.45 -10.28
C2 IOT F . 25.61 -18.17 -8.90
N3 IOT F . 24.57 -17.34 -8.56
C4 IOT F . 23.81 -16.81 -9.67
CX IOT F . 15.59 -14.76 -12.38
CW IOT F . 16.48 -14.18 -12.77
OX1 IOT F . 16.51 -13.69 -14.04
OX2 IOT F . 17.73 -14.08 -12.22
NX IOT F . 15.03 -14.04 -10.94
CA IOT F . 14.23 -12.77 -10.98
CB IOT F . 12.75 -13.08 -10.64
CG IOT F . 11.80 -12.92 -11.80
CD IOT F . 10.43 -13.28 -11.36
NE IOT F . 9.70 -12.16 -10.86
CZ IOT F . 8.41 -12.20 -10.55
NH1 IOT F . 7.95 -12.87 -9.50
NH2 IOT F . 7.58 -11.55 -11.32
C IOT F . 14.78 -11.77 -9.95
O IOT F . 15.76 -12.12 -9.26
OX3 IOT F . 14.25 -10.64 -9.85
C1 GOL G . 7.42 -14.71 -13.60
O1 GOL G . 8.48 -15.16 -14.48
C2 GOL G . 6.11 -15.36 -14.04
O2 GOL G . 5.24 -15.40 -12.93
C3 GOL G . 5.50 -14.65 -15.19
O3 GOL G . 6.27 -15.00 -16.40
MG MG H . -9.53 16.85 14.81
MG MG I . -12.51 19.93 18.20
PA IOT J . -12.55 18.03 14.44
O1A IOT J . -11.17 17.37 14.41
O2A IOT J . -12.92 18.89 15.69
O5' IOT J . -13.13 19.08 13.64
C5' IOT J . -12.70 19.26 12.21
C4' IOT J . -11.98 20.25 11.49
O4' IOT J . -13.07 21.18 11.16
C3' IOT J . -10.91 21.10 12.20
O3' IOT J . -9.59 20.94 11.86
C2' IOT J . -11.42 22.50 12.09
O2' IOT J . -10.55 23.26 11.19
C1' IOT J . -12.79 22.52 11.54
N9 IOT J . -13.66 22.97 12.58
C8 IOT J . -14.38 22.21 13.54
N7 IOT J . -15.12 22.90 14.39
C5 IOT J . -14.91 24.22 14.05
C6 IOT J . -15.45 25.50 14.62
N6 IOT J . -16.22 25.56 15.58
N1 IOT J . -14.96 26.67 13.94
C2 IOT J . -14.05 26.71 12.82
N3 IOT J . -13.56 25.54 12.29
C4 IOT J . -14.00 24.32 12.93
CX IOT J . -14.93 15.23 13.35
CW IOT J . -14.49 15.98 14.10
OX1 IOT J . -14.58 15.64 15.49
OX2 IOT J . -13.56 17.09 13.90
NX IOT J . -13.85 14.95 12.04
CA IOT J . -12.91 13.77 12.05
CB IOT J . -13.43 12.65 11.10
CG IOT J . -14.14 11.51 11.78
CD IOT J . -14.63 10.50 10.79
NE IOT J . -13.56 9.81 10.10
CZ IOT J . -13.68 8.66 9.44
NH1 IOT J . -13.85 8.59 8.11
NH2 IOT J . -13.64 7.54 10.13
C IOT J . -11.51 14.20 11.60
O IOT J . -11.31 15.40 11.30
OX3 IOT J . -10.60 13.33 11.55
P1 POP K . -9.58 20.31 15.71
O1 POP K . -8.83 21.61 15.45
O2 POP K . -9.47 19.36 14.58
O3 POP K . -11.05 20.63 16.05
O POP K . -8.90 19.61 17.00
P2 POP K . -9.24 18.27 17.75
O4 POP K . -9.70 17.33 16.72
O5 POP K . -8.01 17.81 18.45
O6 POP K . -10.35 18.66 18.70
C1 GOL L . -21.10 22.15 18.17
O1 GOL L . -21.75 23.31 18.76
C2 GOL L . -20.36 22.60 16.91
O2 GOL L . -19.40 23.58 17.29
C3 GOL L . -19.72 21.46 16.24
O3 GOL L . -18.25 21.58 16.43
#